data_6FH2
#
_entry.id   6FH2
#
_cell.length_a   50.340
_cell.length_b   80.620
_cell.length_c   97.250
_cell.angle_alpha   90.00
_cell.angle_beta   99.20
_cell.angle_gamma   90.00
#
_symmetry.space_group_name_H-M   'P 1 21 1'
#
loop_
_entity.id
_entity.type
_entity.pdbx_description
1 polymer 'Protein-arginine kinase'
2 non-polymer 'AMP PHOSPHORAMIDATE'
3 non-polymer 1,2-ETHANEDIOL
4 water water
#
_entity_poly.entity_id   1
_entity_poly.type   'polypeptide(L)'
_entity_poly.pdbx_seq_one_letter_code
;MASMSFGKFFNTAVSAWMSQEGPNSDIVLSSRIRLARNIVDFRFPTLFSSEEAKQIVALFERAFVHRPYGEAGRFELLKM
SELQPIEKRVLVEKHLISPHLAEDSPFGACLLSENEEISIMINEEDHIRIQCLFPGLQLAEALEAASELDDWIEGHVNYA
FDERLGYLTSCPTNVGTGLRASVMMHLPALVLTQQINRIIPAINQLGLVVRGTYGEGSEALGNIFQISNQITLGKSEEDI
VADLHTIVEQLIAQERAARQALVKTLGIQLEDKVFRSYGILANCRVIDSKEAAQCLSDVRLGIDLGYIKNVSRNILNELM
ILTQPGFLQQYAGGVLRPEERDVRRAALIRERLRMETRLEHHHHHH
;
_entity_poly.pdbx_strand_id   A,B
#
loop_
_chem_comp.id
_chem_comp.type
_chem_comp.name
_chem_comp.formula
AN2 non-polymer 'AMP PHOSPHORAMIDATE' 'C10 H16 N6 O9 P2'
EDO non-polymer 1,2-ETHANEDIOL 'C2 H6 O2'
#
# COMPACT_ATOMS: atom_id res chain seq x y z
N GLY A 7 8.50 -24.51 27.09
CA GLY A 7 9.07 -23.59 26.13
C GLY A 7 8.06 -22.64 25.51
N LYS A 8 7.75 -22.86 24.23
CA LYS A 8 6.84 -22.07 23.42
C LYS A 8 6.98 -20.57 23.63
N PHE A 9 8.21 -20.11 23.86
CA PHE A 9 8.53 -18.69 23.77
C PHE A 9 8.64 -18.21 22.34
N PHE A 10 8.64 -19.12 21.38
CA PHE A 10 8.97 -18.83 19.99
C PHE A 10 7.73 -18.71 19.10
N ASN A 11 6.54 -19.00 19.65
CA ASN A 11 5.34 -19.12 18.83
C ASN A 11 4.56 -17.81 18.72
N THR A 12 4.49 -17.05 19.81
CA THR A 12 3.78 -15.78 19.84
C THR A 12 4.77 -14.63 19.68
N ALA A 13 4.36 -13.58 18.97
CA ALA A 13 5.23 -12.42 18.80
C ALA A 13 5.13 -11.46 19.97
N VAL A 14 3.93 -11.29 20.53
CA VAL A 14 3.69 -10.39 21.65
C VAL A 14 2.93 -11.18 22.71
N SER A 15 3.59 -11.44 23.84
CA SER A 15 3.00 -12.23 24.90
C SER A 15 1.75 -11.53 25.46
N ALA A 16 0.97 -12.30 26.23
CA ALA A 16 -0.21 -11.74 26.89
C ALA A 16 0.18 -10.61 27.83
N TRP A 17 1.29 -10.80 28.57
CA TRP A 17 1.83 -9.72 29.39
C TRP A 17 2.01 -8.43 28.61
N MET A 18 2.61 -8.53 27.42
CA MET A 18 2.97 -7.35 26.65
C MET A 18 1.83 -6.87 25.77
N SER A 19 0.79 -7.69 25.56
CA SER A 19 -0.40 -7.27 24.86
C SER A 19 -1.32 -6.42 25.73
N GLN A 20 -1.04 -6.31 27.03
CA GLN A 20 -1.83 -5.46 27.90
C GLN A 20 -1.71 -4.01 27.46
N GLU A 21 -2.81 -3.27 27.58
CA GLU A 21 -2.80 -1.85 27.24
C GLU A 21 -2.28 -1.04 28.42
N GLY A 22 -1.33 -0.15 28.14
CA GLY A 22 -0.75 0.66 29.18
C GLY A 22 -0.95 2.14 28.93
N PRO A 23 -0.50 2.97 29.87
CA PRO A 23 -0.61 4.42 29.68
C PRO A 23 0.19 4.88 28.49
N ASN A 24 -0.45 5.69 27.62
CA ASN A 24 0.18 6.25 26.44
C ASN A 24 0.62 5.17 25.45
N SER A 25 -0.17 4.08 25.36
CA SER A 25 0.19 2.98 24.47
C SER A 25 0.04 3.34 23.00
N ASP A 26 -0.66 4.44 22.69
CA ASP A 26 -0.78 4.85 21.29
C ASP A 26 0.59 5.21 20.71
N ILE A 27 1.50 5.73 21.53
CA ILE A 27 2.80 6.19 21.09
C ILE A 27 3.93 5.41 21.75
N VAL A 28 3.79 5.11 23.04
CA VAL A 28 4.83 4.42 23.79
C VAL A 28 4.53 2.91 23.75
N LEU A 29 5.42 2.15 23.13
CA LEU A 29 5.17 0.73 22.94
C LEU A 29 5.48 -0.06 24.20
N SER A 30 6.60 0.23 24.86
CA SER A 30 7.01 -0.53 26.02
C SER A 30 8.02 0.26 26.83
N SER A 31 8.23 -0.19 28.07
CA SER A 31 9.23 0.39 28.97
C SER A 31 10.19 -0.69 29.41
N ARG A 32 11.48 -0.39 29.32
CA ARG A 32 12.54 -1.33 29.71
C ARG A 32 13.44 -0.68 30.75
N ILE A 33 13.87 -1.49 31.71
CA ILE A 33 14.86 -1.09 32.71
C ILE A 33 15.89 -2.21 32.84
N ARG A 34 17.14 -1.86 32.57
CA ARG A 34 18.26 -2.80 32.57
C ARG A 34 19.10 -2.55 33.81
N LEU A 35 19.47 -3.62 34.51
CA LEU A 35 20.42 -3.54 35.61
C LEU A 35 21.62 -4.40 35.29
N ALA A 36 22.80 -3.80 35.29
CA ALA A 36 24.04 -4.48 34.96
C ALA A 36 24.80 -4.85 36.23
N ARG A 37 25.19 -6.11 36.35
CA ARG A 37 25.92 -6.60 37.50
C ARG A 37 26.98 -7.59 37.06
N ASN A 38 27.98 -7.76 37.92
CA ASN A 38 29.03 -8.76 37.73
C ASN A 38 29.20 -9.55 39.02
N ILE A 39 29.61 -10.80 38.88
CA ILE A 39 29.70 -11.74 39.99
C ILE A 39 31.11 -11.69 40.56
N VAL A 40 31.21 -11.78 41.89
CA VAL A 40 32.52 -11.75 42.53
C VAL A 40 33.33 -12.97 42.11
N ASP A 41 34.66 -12.81 42.10
CA ASP A 41 35.65 -13.86 41.91
C ASP A 41 35.66 -14.43 40.50
N PHE A 42 34.89 -13.86 39.58
CA PHE A 42 35.00 -14.16 38.15
C PHE A 42 35.49 -12.92 37.42
N ARG A 43 36.29 -13.14 36.38
CA ARG A 43 36.68 -12.02 35.52
C ARG A 43 35.49 -11.56 34.67
N PHE A 44 35.61 -10.33 34.17
CA PHE A 44 34.52 -9.71 33.44
C PHE A 44 34.32 -10.41 32.10
N PRO A 45 33.19 -10.20 31.45
CA PRO A 45 33.01 -10.78 30.11
C PRO A 45 34.07 -10.36 29.10
N THR A 46 34.78 -9.27 29.34
CA THR A 46 35.80 -8.78 28.41
C THR A 46 37.16 -9.43 28.60
N LEU A 47 37.31 -10.34 29.57
CA LEU A 47 38.64 -10.79 29.97
C LEU A 47 38.73 -12.28 30.28
N PHE A 48 37.63 -13.03 30.22
CA PHE A 48 37.49 -14.23 31.02
C PHE A 48 37.47 -15.47 30.12
N SER A 49 37.90 -16.59 30.67
CA SER A 49 38.10 -17.79 29.88
C SER A 49 36.78 -18.51 29.63
N SER A 50 36.85 -19.56 28.81
CA SER A 50 35.67 -20.35 28.49
C SER A 50 35.09 -21.00 29.76
N GLU A 51 35.96 -21.44 30.67
CA GLU A 51 35.47 -22.10 31.88
C GLU A 51 34.74 -21.14 32.80
N GLU A 52 35.27 -19.93 33.00
CA GLU A 52 34.53 -18.97 33.81
C GLU A 52 33.17 -18.65 33.19
N ALA A 53 33.07 -18.67 31.86
CA ALA A 53 31.79 -18.49 31.20
C ALA A 53 30.81 -19.58 31.59
N LYS A 54 31.23 -20.83 31.44
CA LYS A 54 30.34 -21.95 31.72
C LYS A 54 30.12 -22.15 33.21
N GLN A 55 31.05 -21.70 34.05
CA GLN A 55 30.81 -21.73 35.49
C GLN A 55 29.75 -20.71 35.90
N ILE A 56 29.77 -19.52 35.29
CA ILE A 56 28.75 -18.52 35.58
C ILE A 56 27.38 -19.03 35.15
N VAL A 57 27.28 -19.64 33.97
CA VAL A 57 26.02 -20.23 33.55
C VAL A 57 25.63 -21.36 34.49
N ALA A 58 26.59 -22.20 34.87
CA ALA A 58 26.33 -23.23 35.88
C ALA A 58 25.92 -22.62 37.21
N LEU A 59 26.49 -21.46 37.54
CA LEU A 59 26.11 -20.83 38.84
C LEU A 59 24.62 -20.45 38.81
N PHE A 60 24.19 -19.82 37.71
CA PHE A 60 22.77 -19.40 37.54
C PHE A 60 21.86 -20.63 37.36
N GLU A 61 22.31 -21.61 36.59
CA GLU A 61 21.47 -22.81 36.30
C GLU A 61 21.15 -23.53 37.62
N ARG A 62 22.15 -23.68 38.49
CA ARG A 62 21.94 -24.34 39.77
C ARG A 62 20.91 -23.59 40.61
N ALA A 63 20.93 -22.26 40.55
CA ALA A 63 20.18 -21.46 41.50
C ALA A 63 18.72 -21.28 41.12
N PHE A 64 18.38 -21.22 39.83
CA PHE A 64 17.09 -20.68 39.43
C PHE A 64 16.22 -21.62 38.62
N VAL A 65 16.63 -22.84 38.33
CA VAL A 65 15.80 -23.73 37.51
C VAL A 65 14.62 -24.26 38.32
N HIS A 66 14.88 -24.72 39.54
CA HIS A 66 13.82 -25.18 40.45
C HIS A 66 13.48 -24.14 41.50
N ARG A 67 13.15 -22.94 41.03
CA ARG A 67 12.74 -21.84 41.91
C ARG A 67 11.88 -20.88 41.09
N PRO A 68 10.58 -21.10 41.05
CA PRO A 68 9.69 -20.22 40.28
C PRO A 68 9.69 -18.80 40.83
N TYR A 69 9.05 -17.91 40.09
CA TYR A 69 8.95 -16.50 40.45
C TYR A 69 7.54 -15.99 40.77
N GLY A 70 6.65 -16.85 41.24
CA GLY A 70 5.30 -16.43 41.56
C GLY A 70 4.47 -16.03 40.36
N GLU A 71 3.99 -14.78 40.34
CA GLU A 71 3.15 -14.29 39.23
C GLU A 71 3.87 -14.35 37.89
N ALA A 72 5.16 -14.04 37.89
CA ALA A 72 5.98 -14.12 36.68
C ALA A 72 6.06 -15.57 36.17
N GLY A 73 6.15 -16.51 37.10
CA GLY A 73 6.23 -17.93 36.78
C GLY A 73 7.62 -18.49 36.86
N ARG A 74 7.75 -19.77 36.56
CA ARG A 74 9.04 -20.45 36.61
C ARG A 74 10.01 -19.94 35.54
N PHE A 75 11.29 -19.93 35.89
CA PHE A 75 12.34 -19.47 34.98
C PHE A 75 12.89 -20.63 34.17
N GLU A 76 13.05 -20.41 32.87
CA GLU A 76 13.61 -21.41 31.98
C GLU A 76 14.97 -20.89 31.52
N LEU A 77 16.00 -21.72 31.62
CA LEU A 77 17.32 -21.28 31.21
C LEU A 77 17.52 -21.65 29.74
N LEU A 78 17.79 -20.65 28.92
CA LEU A 78 18.05 -20.84 27.49
C LEU A 78 19.51 -20.55 27.22
N LYS A 79 20.23 -21.55 26.71
CA LYS A 79 21.65 -21.44 26.40
C LYS A 79 21.79 -21.10 24.92
N MET A 80 22.59 -20.07 24.61
CA MET A 80 22.77 -19.67 23.22
C MET A 80 23.38 -20.79 22.40
N SER A 81 24.33 -21.53 22.99
CA SER A 81 24.95 -22.64 22.27
C SER A 81 23.95 -23.73 21.92
N GLU A 82 22.85 -23.84 22.65
CA GLU A 82 21.85 -24.87 22.40
C GLU A 82 20.67 -24.38 21.58
N LEU A 83 20.69 -23.14 21.12
CA LEU A 83 19.64 -22.60 20.27
C LEU A 83 20.13 -22.47 18.83
N GLN A 84 19.23 -22.56 17.93
CA GLN A 84 19.40 -22.53 16.49
C GLN A 84 19.27 -21.09 15.98
N PRO A 85 19.95 -20.74 14.88
CA PRO A 85 20.04 -19.33 14.48
C PRO A 85 18.70 -18.62 14.34
N ILE A 86 17.67 -19.31 13.83
CA ILE A 86 16.34 -18.73 13.81
C ILE A 86 15.85 -18.47 15.24
N GLU A 87 16.01 -19.47 16.11
CA GLU A 87 15.57 -19.33 17.50
C GLU A 87 16.23 -18.14 18.17
N LYS A 88 17.52 -17.92 17.91
CA LYS A 88 18.19 -16.73 18.43
C LYS A 88 17.58 -15.46 17.86
N ARG A 89 17.39 -15.42 16.54
CA ARG A 89 16.82 -14.23 15.92
C ARG A 89 15.39 -13.98 16.36
N VAL A 90 14.61 -15.03 16.60
CA VAL A 90 13.24 -14.85 17.10
C VAL A 90 13.26 -14.22 18.49
N LEU A 91 14.25 -14.56 19.31
CA LEU A 91 14.34 -13.95 20.64
C LEU A 91 14.76 -12.49 20.55
N VAL A 92 15.68 -12.16 19.65
CA VAL A 92 16.07 -10.76 19.46
C VAL A 92 14.89 -9.95 18.94
N GLU A 93 14.11 -10.53 18.04
CA GLU A 93 13.02 -9.83 17.39
C GLU A 93 11.83 -9.61 18.34
N LYS A 94 11.74 -10.43 19.37
CA LYS A 94 10.70 -10.29 20.39
C LYS A 94 11.17 -9.37 21.52
N HIS A 95 12.44 -8.92 21.40
CA HIS A 95 13.16 -8.03 22.33
C HIS A 95 13.63 -8.70 23.62
N LEU A 96 13.53 -10.02 23.67
CA LEU A 96 13.95 -10.80 24.83
C LEU A 96 15.46 -10.76 25.10
N ILE A 97 16.26 -10.82 24.04
CA ILE A 97 17.71 -10.81 24.15
C ILE A 97 18.26 -9.80 23.15
N SER A 98 19.50 -9.38 23.38
CA SER A 98 20.11 -8.40 22.50
C SER A 98 20.73 -9.09 21.30
N PRO A 99 20.97 -8.34 20.21
CA PRO A 99 21.76 -8.92 19.12
C PRO A 99 23.16 -9.33 19.54
N HIS A 100 23.73 -8.67 20.55
CA HIS A 100 25.04 -9.06 21.06
C HIS A 100 25.02 -10.47 21.62
N LEU A 101 23.96 -10.83 22.36
CA LEU A 101 23.91 -12.15 22.98
C LEU A 101 23.73 -13.25 21.94
N ALA A 102 22.85 -13.02 20.96
CA ALA A 102 22.55 -14.05 19.97
C ALA A 102 23.73 -14.27 19.02
N GLU A 103 24.47 -13.22 18.69
CA GLU A 103 25.54 -13.30 17.69
C GLU A 103 26.92 -13.49 18.31
N ASP A 104 27.29 -12.63 19.27
CA ASP A 104 28.67 -12.51 19.71
C ASP A 104 28.90 -13.04 21.13
N SER A 105 28.17 -14.09 21.52
CA SER A 105 28.27 -14.63 22.88
C SER A 105 27.90 -16.11 22.85
N PRO A 106 28.86 -16.99 22.54
CA PRO A 106 28.54 -18.41 22.45
C PRO A 106 28.21 -19.04 23.78
N PHE A 107 28.86 -18.61 24.86
CA PHE A 107 28.51 -19.05 26.20
C PHE A 107 27.39 -18.24 26.82
N GLY A 108 26.77 -17.35 26.05
CA GLY A 108 25.67 -16.57 26.56
C GLY A 108 24.47 -17.42 26.89
N ALA A 109 23.62 -16.88 27.77
CA ALA A 109 22.43 -17.58 28.19
C ALA A 109 21.34 -16.57 28.50
N CYS A 110 20.12 -17.07 28.66
CA CYS A 110 18.97 -16.23 28.96
C CYS A 110 18.06 -16.97 29.92
N LEU A 111 17.51 -16.23 30.89
CA LEU A 111 16.65 -16.79 31.92
C LEU A 111 15.31 -16.07 31.79
N LEU A 112 14.30 -16.75 31.26
CA LEU A 112 13.02 -16.16 30.91
C LEU A 112 11.93 -16.60 31.88
N SER A 113 11.14 -15.65 32.36
CA SER A 113 9.90 -15.97 33.05
C SER A 113 8.83 -16.39 32.03
N GLU A 114 7.86 -17.14 32.53
CA GLU A 114 6.76 -17.67 31.73
C GLU A 114 5.93 -16.57 31.11
N ASN A 115 5.72 -15.49 31.88
CA ASN A 115 4.91 -14.33 31.42
C ASN A 115 5.73 -13.50 30.40
N GLU A 116 7.03 -13.77 30.34
CA GLU A 116 8.03 -13.11 29.44
C GLU A 116 8.20 -11.62 29.79
N GLU A 117 7.96 -11.24 31.04
CA GLU A 117 8.17 -9.83 31.45
C GLU A 117 9.58 -9.67 32.02
N ILE A 118 10.25 -10.79 32.34
CA ILE A 118 11.61 -10.72 32.92
C ILE A 118 12.58 -11.54 32.06
N SER A 119 13.65 -10.90 31.59
CA SER A 119 14.71 -11.59 30.81
C SER A 119 16.04 -11.30 31.50
N ILE A 120 16.76 -12.35 31.92
CA ILE A 120 18.03 -12.13 32.60
C ILE A 120 19.12 -12.67 31.67
N MET A 121 19.90 -11.76 31.11
CA MET A 121 20.92 -12.11 30.14
C MET A 121 22.22 -12.44 30.85
N ILE A 122 22.80 -13.59 30.50
CA ILE A 122 24.03 -14.11 31.16
C ILE A 122 25.19 -14.15 30.16
N ASN A 123 26.37 -13.74 30.60
CA ASN A 123 27.61 -13.74 29.77
C ASN A 123 27.45 -12.86 28.53
N GLU A 124 26.84 -11.68 28.70
CA GLU A 124 26.70 -10.69 27.61
C GLU A 124 27.80 -9.65 27.84
N GLU A 125 27.48 -8.35 27.76
CA GLU A 125 28.49 -7.31 28.05
C GLU A 125 28.88 -7.43 29.53
N ASP A 126 27.88 -7.67 30.39
CA ASP A 126 28.08 -7.85 31.85
C ASP A 126 27.65 -9.27 32.22
N HIS A 127 28.13 -9.79 33.35
CA HIS A 127 27.82 -11.12 33.76
C HIS A 127 26.32 -11.26 33.78
N ILE A 128 25.65 -10.20 34.22
CA ILE A 128 24.21 -10.19 34.43
C ILE A 128 23.66 -8.94 33.76
N ARG A 129 22.62 -9.10 32.95
CA ARG A 129 21.83 -7.99 32.43
C ARG A 129 20.36 -8.27 32.77
N ILE A 130 19.94 -7.78 33.94
CA ILE A 130 18.56 -7.92 34.37
C ILE A 130 17.72 -6.87 33.66
N GLN A 131 16.73 -7.31 32.89
CA GLN A 131 15.87 -6.39 32.15
C GLN A 131 14.41 -6.79 32.34
N CYS A 132 13.61 -5.84 32.82
CA CYS A 132 12.16 -5.99 32.94
C CYS A 132 11.47 -5.16 31.86
N LEU A 133 10.39 -5.72 31.31
CA LEU A 133 9.64 -5.04 30.20
C LEU A 133 8.17 -4.87 30.60
N PHE A 134 7.65 -3.65 30.43
CA PHE A 134 6.23 -3.34 30.75
C PHE A 134 5.55 -2.74 29.51
N PRO A 135 4.31 -3.16 29.17
CA PRO A 135 3.60 -2.63 28.01
C PRO A 135 3.25 -1.15 28.25
N GLY A 136 3.38 -0.32 27.21
CA GLY A 136 3.06 1.12 27.35
C GLY A 136 4.12 1.86 28.14
N LEU A 137 3.78 3.02 28.69
CA LEU A 137 4.76 3.79 29.50
C LEU A 137 4.54 3.44 30.98
N GLN A 138 5.49 2.71 31.57
CA GLN A 138 5.41 2.34 32.98
C GLN A 138 6.83 2.20 33.54
N LEU A 139 7.58 3.31 33.51
CA LEU A 139 8.96 3.27 33.98
C LEU A 139 9.03 3.09 35.50
N ALA A 140 8.17 3.77 36.24
CA ALA A 140 8.19 3.66 37.70
C ALA A 140 7.89 2.24 38.15
N GLU A 141 6.88 1.61 37.53
CA GLU A 141 6.54 0.23 37.89
C GLU A 141 7.65 -0.73 37.51
N ALA A 142 8.31 -0.49 36.37
CA ALA A 142 9.38 -1.39 35.94
C ALA A 142 10.59 -1.32 36.86
N LEU A 143 10.77 -0.19 37.55
CA LEU A 143 11.92 -0.07 38.46
C LEU A 143 11.68 -0.81 39.77
N GLU A 144 10.45 -0.78 40.29
CA GLU A 144 10.13 -1.55 41.48
C GLU A 144 10.32 -3.05 41.21
N ALA A 145 9.81 -3.53 40.08
CA ALA A 145 9.95 -4.94 39.75
C ALA A 145 11.41 -5.29 39.52
N ALA A 146 12.17 -4.40 38.88
CA ALA A 146 13.60 -4.65 38.68
C ALA A 146 14.35 -4.62 40.00
N SER A 147 14.05 -3.64 40.86
CA SER A 147 14.69 -3.57 42.17
C SER A 147 14.30 -4.75 43.04
N GLU A 148 13.02 -5.13 43.02
CA GLU A 148 12.56 -6.29 43.78
C GLU A 148 13.22 -7.57 43.29
N LEU A 149 13.37 -7.72 41.98
CA LEU A 149 14.09 -8.87 41.44
C LEU A 149 15.58 -8.80 41.77
N ASP A 150 16.14 -7.59 41.78
CA ASP A 150 17.57 -7.44 42.03
C ASP A 150 17.93 -7.92 43.44
N ASP A 151 17.16 -7.49 44.44
CA ASP A 151 17.32 -7.99 45.79
C ASP A 151 17.16 -9.51 45.82
N TRP A 152 16.21 -10.03 45.06
CA TRP A 152 15.91 -11.45 45.10
C TRP A 152 17.09 -12.26 44.56
N ILE A 153 17.76 -11.73 43.54
CA ILE A 153 18.85 -12.46 42.89
C ILE A 153 20.12 -12.39 43.73
N GLU A 154 20.43 -11.24 44.33
CA GLU A 154 21.66 -11.17 45.10
C GLU A 154 21.58 -11.91 46.43
N GLY A 155 20.45 -12.54 46.74
CA GLY A 155 20.43 -13.49 47.83
C GLY A 155 21.08 -14.81 47.49
N HIS A 156 21.18 -15.13 46.20
CA HIS A 156 21.71 -16.40 45.75
C HIS A 156 23.06 -16.26 45.04
N VAL A 157 23.47 -15.03 44.73
CA VAL A 157 24.76 -14.73 44.13
C VAL A 157 25.31 -13.48 44.80
N ASN A 158 26.62 -13.26 44.64
CA ASN A 158 27.30 -12.14 45.26
C ASN A 158 27.78 -11.18 44.19
N TYR A 159 27.31 -9.94 44.25
CA TYR A 159 27.66 -8.93 43.27
C TYR A 159 29.04 -8.35 43.56
N ALA A 160 29.75 -8.02 42.48
CA ALA A 160 31.05 -7.42 42.58
C ALA A 160 30.78 -5.96 42.67
N PHE A 161 30.83 -5.41 43.88
CA PHE A 161 30.52 -3.97 44.05
C PHE A 161 31.61 -3.24 44.85
N ASP A 162 31.99 -2.07 44.36
CA ASP A 162 32.96 -1.17 45.06
C ASP A 162 32.13 0.04 45.52
N GLU A 163 32.28 0.45 46.78
CA GLU A 163 31.42 1.55 47.30
C GLU A 163 31.65 2.84 46.50
N ARG A 164 32.90 3.24 46.27
CA ARG A 164 33.12 4.49 45.49
C ARG A 164 32.76 4.25 44.02
N LEU A 165 33.27 3.16 43.45
CA LEU A 165 33.06 2.80 42.01
C LEU A 165 31.61 2.39 41.73
N GLY A 166 30.97 1.68 42.66
CA GLY A 166 29.60 1.18 42.40
C GLY A 166 29.67 -0.19 41.74
N TYR A 167 28.59 -0.64 41.12
CA TYR A 167 28.64 -1.99 40.49
C TYR A 167 29.70 -1.99 39.39
N LEU A 168 30.60 -2.98 39.42
CA LEU A 168 31.70 -3.08 38.44
C LEU A 168 31.13 -3.52 37.09
N THR A 169 31.54 -2.84 36.01
CA THR A 169 31.04 -3.15 34.64
C THR A 169 32.22 -3.21 33.67
N SER A 170 32.12 -4.08 32.65
CA SER A 170 33.18 -4.23 31.61
C SER A 170 33.29 -2.98 30.71
N CYS A 171 32.15 -2.40 30.33
CA CYS A 171 32.13 -1.24 29.40
C CYS A 171 32.06 0.08 30.17
N PRO A 172 32.92 1.08 29.86
CA PRO A 172 32.92 2.34 30.63
C PRO A 172 31.58 3.04 30.69
N THR A 173 30.64 2.71 29.79
CA THR A 173 29.42 3.49 29.64
C THR A 173 28.41 3.27 30.75
N ASN A 174 28.51 2.17 31.51
CA ASN A 174 27.50 1.83 32.50
C ASN A 174 28.13 1.51 33.86
N VAL A 175 29.16 2.24 34.24
CA VAL A 175 29.78 2.07 35.55
C VAL A 175 28.92 2.77 36.59
N GLY A 176 28.93 2.26 37.82
CA GLY A 176 28.21 2.90 38.90
C GLY A 176 26.96 2.16 39.33
N THR A 177 25.80 2.66 38.93
CA THR A 177 24.55 1.99 39.25
C THR A 177 24.22 0.85 38.28
N GLY A 178 24.86 0.82 37.12
CA GLY A 178 24.57 -0.20 36.13
C GLY A 178 23.17 -0.15 35.57
N LEU A 179 22.55 1.04 35.57
CA LEU A 179 21.18 1.21 35.15
C LEU A 179 21.10 1.82 33.76
N ARG A 180 20.36 1.18 32.87
CA ARG A 180 19.85 1.81 31.66
C ARG A 180 18.35 1.69 31.64
N ALA A 181 17.66 2.81 31.69
CA ALA A 181 16.21 2.87 31.51
C ALA A 181 15.91 3.40 30.12
N SER A 182 15.04 2.72 29.39
CA SER A 182 14.73 3.08 28.02
C SER A 182 13.23 3.04 27.79
N VAL A 183 12.81 3.70 26.71
CA VAL A 183 11.37 3.69 26.29
C VAL A 183 11.35 3.48 24.78
N MET A 184 10.42 2.68 24.27
CA MET A 184 10.31 2.48 22.81
C MET A 184 9.10 3.28 22.33
N MET A 185 9.32 4.25 21.45
CA MET A 185 8.22 5.14 21.01
C MET A 185 8.06 5.14 19.50
N HIS A 186 6.81 5.18 19.04
CA HIS A 186 6.51 5.30 17.60
C HIS A 186 6.28 6.79 17.34
N LEU A 187 7.10 7.41 16.50
CA LEU A 187 6.97 8.87 16.26
C LEU A 187 6.88 9.12 14.75
N PRO A 188 5.78 8.70 14.09
CA PRO A 188 5.61 8.92 12.66
C PRO A 188 5.49 10.41 12.33
N ALA A 189 4.78 11.17 13.20
CA ALA A 189 4.53 12.57 12.87
C ALA A 189 5.79 13.41 13.02
N LEU A 190 6.58 13.15 14.06
CA LEU A 190 7.83 13.89 14.24
C LEU A 190 8.85 13.58 13.15
N VAL A 191 8.75 12.40 12.53
CA VAL A 191 9.63 12.07 11.41
C VAL A 191 9.13 12.72 10.12
N LEU A 192 7.81 12.72 9.91
CA LEU A 192 7.26 13.27 8.67
C LEU A 192 7.45 14.79 8.63
N THR A 193 7.22 15.47 9.75
CA THR A 193 7.50 16.90 9.85
C THR A 193 8.98 17.21 9.99
N GLN A 194 9.83 16.18 9.99
CA GLN A 194 11.29 16.31 10.06
C GLN A 194 11.76 17.04 11.30
N GLN A 195 10.89 17.13 12.31
CA GLN A 195 11.29 17.77 13.57
C GLN A 195 12.15 16.78 14.37
N ILE A 196 12.40 15.60 13.80
CA ILE A 196 13.19 14.53 14.47
C ILE A 196 14.67 14.85 14.33
N ASN A 197 15.02 15.70 13.37
CA ASN A 197 16.44 16.08 13.19
C ASN A 197 16.81 17.15 14.22
N ARG A 198 15.81 17.78 14.84
CA ARG A 198 16.07 18.77 15.91
C ARG A 198 16.11 18.04 17.24
N ILE A 199 15.05 17.30 17.55
CA ILE A 199 14.86 16.60 18.84
C ILE A 199 16.05 15.69 19.18
N ILE A 200 16.47 14.84 18.25
CA ILE A 200 17.57 13.87 18.49
C ILE A 200 18.78 14.54 19.14
N PRO A 201 19.45 15.49 18.48
CA PRO A 201 20.59 16.17 19.09
C PRO A 201 20.25 16.89 20.40
N ALA A 202 19.06 17.44 20.54
CA ALA A 202 18.66 18.11 21.79
C ALA A 202 18.58 17.06 22.88
N ILE A 203 18.04 15.90 22.55
CA ILE A 203 17.89 14.76 23.51
C ILE A 203 19.27 14.33 24.00
N ASN A 204 20.27 14.30 23.11
CA ASN A 204 21.66 13.90 23.46
C ASN A 204 22.28 14.92 24.41
N GLN A 205 21.91 16.19 24.29
CA GLN A 205 22.48 17.25 25.14
C GLN A 205 22.00 17.12 26.58
N LEU A 206 20.83 16.52 26.83
CA LEU A 206 20.35 16.38 28.23
C LEU A 206 20.89 15.09 28.85
N GLY A 207 21.59 14.26 28.08
CA GLY A 207 22.16 13.02 28.64
C GLY A 207 21.43 11.80 28.15
N LEU A 208 20.36 11.98 27.38
CA LEU A 208 19.60 10.84 26.82
C LEU A 208 20.23 10.45 25.47
N VAL A 209 20.00 9.21 25.02
CA VAL A 209 20.56 8.74 23.71
C VAL A 209 19.42 8.21 22.85
N VAL A 210 19.42 8.51 21.55
CA VAL A 210 18.34 8.01 20.65
C VAL A 210 18.92 6.83 19.86
N ARG A 211 18.22 5.69 19.89
CA ARG A 211 18.74 4.46 19.22
C ARG A 211 17.65 3.81 18.38
N GLY A 212 18.03 2.81 17.60
CA GLY A 212 17.16 2.03 16.70
C GLY A 212 16.28 1.04 17.45
N THR A 213 15.38 0.37 16.72
CA THR A 213 14.41 -0.59 17.32
C THR A 213 15.13 -1.71 18.09
N TYR A 214 16.26 -2.20 17.57
CA TYR A 214 16.99 -3.30 18.24
C TYR A 214 18.20 -2.78 19.03
N GLY A 215 18.19 -1.49 19.36
CA GLY A 215 19.29 -0.91 20.15
C GLY A 215 20.42 -0.37 19.28
N GLU A 216 21.58 -0.07 19.90
CA GLU A 216 22.73 0.50 19.16
C GLU A 216 23.13 -0.45 18.04
N GLY A 217 23.44 0.10 16.86
CA GLY A 217 23.80 -0.69 15.67
C GLY A 217 22.55 -0.99 14.88
N SER A 218 21.38 -0.63 15.42
CA SER A 218 20.12 -0.79 14.75
C SER A 218 19.63 0.53 14.18
N GLU A 219 19.02 0.47 13.00
CA GLU A 219 18.39 1.65 12.43
C GLU A 219 16.92 1.66 12.85
N ALA A 220 16.28 2.81 12.67
CA ALA A 220 14.90 2.97 13.12
C ALA A 220 13.96 2.31 12.11
N LEU A 221 13.33 1.20 12.50
CA LEU A 221 12.39 0.49 11.65
C LEU A 221 10.98 1.01 11.91
N GLY A 222 10.31 1.46 10.86
CA GLY A 222 8.91 1.88 10.98
C GLY A 222 8.68 3.01 11.94
N ASN A 223 9.64 3.93 12.06
CA ASN A 223 9.49 5.14 12.87
C ASN A 223 9.33 4.79 14.35
N ILE A 224 10.02 3.72 14.75
CA ILE A 224 10.02 3.27 16.18
C ILE A 224 11.44 3.53 16.69
N PHE A 225 11.57 4.34 17.75
CA PHE A 225 12.90 4.69 18.27
C PHE A 225 13.01 4.27 19.74
N GLN A 226 14.25 4.06 20.19
CA GLN A 226 14.48 3.67 21.60
C GLN A 226 15.09 4.88 22.31
N ILE A 227 14.42 5.37 23.37
CA ILE A 227 14.95 6.53 24.14
C ILE A 227 15.47 5.98 25.47
N SER A 228 16.77 6.10 25.71
CA SER A 228 17.36 5.56 26.96
C SER A 228 18.35 6.56 27.55
N ASN A 229 18.51 6.53 28.87
CA ASN A 229 19.48 7.43 29.55
C ASN A 229 20.90 6.90 29.29
N GLN A 230 21.88 7.81 29.28
CA GLN A 230 23.28 7.47 29.11
C GLN A 230 24.11 7.71 30.35
N ILE A 231 23.86 8.82 31.06
CA ILE A 231 24.48 9.01 32.37
C ILE A 231 24.12 7.87 33.30
N THR A 232 25.14 7.29 33.95
CA THR A 232 24.94 6.22 34.91
C THR A 232 25.61 6.52 36.24
N LEU A 233 26.02 7.76 36.50
CA LEU A 233 26.65 8.13 37.74
C LEU A 233 26.02 9.40 38.30
N GLY A 234 26.31 9.66 39.57
CA GLY A 234 25.93 10.91 40.21
C GLY A 234 24.44 11.14 40.34
N LYS A 235 23.66 10.07 40.41
CA LYS A 235 22.21 10.21 40.47
C LYS A 235 21.60 8.89 40.90
N SER A 236 20.53 8.96 41.69
CA SER A 236 19.84 7.75 42.12
C SER A 236 19.04 7.15 40.95
N GLU A 237 18.75 5.85 41.07
CA GLU A 237 17.91 5.21 40.08
C GLU A 237 16.55 5.90 39.97
N GLU A 238 16.02 6.36 41.09
CA GLU A 238 14.70 6.98 41.08
CA GLU A 238 14.69 6.99 41.09
C GLU A 238 14.72 8.31 40.30
N ASP A 239 15.77 9.09 40.45
CA ASP A 239 15.83 10.38 39.78
C ASP A 239 16.02 10.22 38.27
N ILE A 240 16.91 9.33 37.86
CA ILE A 240 17.16 9.15 36.43
C ILE A 240 15.93 8.57 35.74
N VAL A 241 15.19 7.70 36.42
CA VAL A 241 13.91 7.25 35.88
C VAL A 241 12.92 8.41 35.84
N ALA A 242 12.96 9.29 36.83
CA ALA A 242 12.09 10.46 36.82
C ALA A 242 12.48 11.43 35.72
N ASP A 243 13.78 11.55 35.44
CA ASP A 243 14.22 12.45 34.39
C ASP A 243 13.83 11.93 33.00
N LEU A 244 14.00 10.63 32.77
CA LEU A 244 13.58 10.04 31.50
C LEU A 244 12.08 10.21 31.29
N HIS A 245 11.29 10.02 32.34
CA HIS A 245 9.84 10.08 32.22
C HIS A 245 9.38 11.45 31.73
N THR A 246 9.92 12.52 32.33
CA THR A 246 9.50 13.87 31.96
C THR A 246 9.89 14.18 30.52
N ILE A 247 11.09 13.77 30.09
CA ILE A 247 11.46 13.92 28.69
C ILE A 247 10.51 13.17 27.79
N VAL A 248 10.10 11.97 28.20
CA VAL A 248 9.15 11.19 27.39
C VAL A 248 7.79 11.87 27.37
N GLU A 249 7.34 12.41 28.51
CA GLU A 249 6.10 13.19 28.52
C GLU A 249 6.15 14.34 27.53
N GLN A 250 7.28 15.04 27.45
CA GLN A 250 7.42 16.09 26.45
C GLN A 250 7.40 15.52 25.04
N LEU A 251 8.10 14.40 24.83
CA LEU A 251 8.12 13.79 23.50
C LEU A 251 6.75 13.27 23.10
N ILE A 252 5.95 12.81 24.05
CA ILE A 252 4.57 12.42 23.74
C ILE A 252 3.78 13.64 23.29
N ALA A 253 3.89 14.75 24.02
CA ALA A 253 3.13 15.95 23.68
C ALA A 253 3.51 16.49 22.31
N GLN A 254 4.80 16.42 21.97
CA GLN A 254 5.24 16.93 20.67
C GLN A 254 4.75 16.06 19.53
N GLU A 255 4.75 14.74 19.73
CA GLU A 255 4.17 13.83 18.74
C GLU A 255 2.68 14.11 18.55
N ARG A 256 1.95 14.27 19.65
CA ARG A 256 0.50 14.43 19.57
C ARG A 256 0.12 15.77 18.94
N ALA A 257 0.91 16.82 19.19
CA ALA A 257 0.66 18.12 18.59
C ALA A 257 1.05 18.14 17.12
N ALA A 258 2.15 17.47 16.77
CA ALA A 258 2.55 17.41 15.37
C ALA A 258 1.52 16.65 14.54
N ARG A 259 0.80 15.71 15.14
CA ARG A 259 -0.25 15.02 14.42
C ARG A 259 -1.40 15.96 14.09
N GLN A 260 -1.77 16.85 15.02
CA GLN A 260 -2.81 17.83 14.74
C GLN A 260 -2.33 18.84 13.70
N ALA A 261 -1.04 19.19 13.73
CA ALA A 261 -0.50 20.06 12.69
C ALA A 261 -0.59 19.40 11.32
N LEU A 262 -0.25 18.11 11.25
CA LEU A 262 -0.36 17.37 10.00
C LEU A 262 -1.80 17.30 9.52
N VAL A 263 -2.74 17.03 10.42
CA VAL A 263 -4.15 16.94 10.04
C VAL A 263 -4.66 18.30 9.55
N LYS A 264 -4.35 19.36 10.29
CA LYS A 264 -4.83 20.68 9.90
C LYS A 264 -4.19 21.13 8.59
N THR A 265 -2.92 20.79 8.37
CA THR A 265 -2.24 21.24 7.16
C THR A 265 -2.54 20.33 5.97
N LEU A 266 -2.33 19.02 6.13
CA LEU A 266 -2.45 18.10 5.00
C LEU A 266 -3.89 17.64 4.76
N GLY A 267 -4.68 17.48 5.81
CA GLY A 267 -6.08 17.11 5.66
C GLY A 267 -6.32 15.83 4.89
N ILE A 268 -7.04 15.94 3.76
CA ILE A 268 -7.40 14.77 2.98
C ILE A 268 -6.18 14.10 2.37
N GLN A 269 -5.08 14.82 2.20
CA GLN A 269 -3.86 14.20 1.68
C GLN A 269 -3.29 13.21 2.69
N LEU A 270 -3.37 13.54 3.98
CA LEU A 270 -2.92 12.60 5.01
C LEU A 270 -3.82 11.37 5.05
N GLU A 271 -5.14 11.57 4.91
CA GLU A 271 -6.05 10.43 4.80
C GLU A 271 -5.71 9.57 3.59
N ASP A 272 -5.32 10.22 2.49
CA ASP A 272 -4.91 9.46 1.31
C ASP A 272 -3.61 8.71 1.55
N LYS A 273 -2.71 9.26 2.37
CA LYS A 273 -1.43 8.62 2.60
C LYS A 273 -1.58 7.31 3.38
N VAL A 274 -2.45 7.31 4.39
CA VAL A 274 -2.59 6.13 5.23
C VAL A 274 -3.41 5.04 4.55
N PHE A 275 -4.43 5.42 3.77
CA PHE A 275 -5.22 4.42 3.05
C PHE A 275 -4.46 3.80 1.90
N ARG A 276 -3.64 4.59 1.19
CA ARG A 276 -2.78 4.00 0.16
C ARG A 276 -1.86 2.94 0.76
N SER A 277 -1.26 3.24 1.91
CA SER A 277 -0.43 2.24 2.59
C SER A 277 -1.27 1.03 2.99
N TYR A 278 -2.50 1.27 3.46
CA TYR A 278 -3.42 0.16 3.71
C TYR A 278 -3.67 -0.64 2.44
N GLY A 279 -3.97 0.05 1.33
CA GLY A 279 -4.27 -0.63 0.09
C GLY A 279 -3.12 -1.49 -0.40
N ILE A 280 -1.89 -1.03 -0.20
CA ILE A 280 -0.72 -1.82 -0.58
C ILE A 280 -0.61 -3.06 0.29
N LEU A 281 -0.62 -2.88 1.62
CA LEU A 281 -0.43 -4.01 2.52
C LEU A 281 -1.52 -5.05 2.34
N ALA A 282 -2.77 -4.61 2.12
CA ALA A 282 -3.88 -5.54 2.02
C ALA A 282 -3.91 -6.32 0.71
N ASN A 283 -3.13 -5.91 -0.29
CA ASN A 283 -3.25 -6.50 -1.62
C ASN A 283 -1.94 -6.86 -2.29
N CYS A 284 -0.80 -6.33 -1.83
CA CYS A 284 0.46 -6.59 -2.53
C CYS A 284 0.84 -8.06 -2.43
N ARG A 285 1.61 -8.52 -3.41
CA ARG A 285 2.13 -9.87 -3.43
C ARG A 285 3.62 -9.94 -3.15
N VAL A 286 4.34 -8.83 -3.26
CA VAL A 286 5.77 -8.76 -2.98
C VAL A 286 6.04 -7.45 -2.25
N ILE A 287 6.71 -7.53 -1.10
CA ILE A 287 7.03 -6.34 -0.32
C ILE A 287 8.32 -6.59 0.45
N ASP A 288 9.16 -5.57 0.56
CA ASP A 288 10.43 -5.69 1.27
C ASP A 288 10.28 -5.18 2.70
N SER A 289 11.35 -5.38 3.48
CA SER A 289 11.32 -5.03 4.89
C SER A 289 11.18 -3.52 5.09
N LYS A 290 11.79 -2.72 4.20
CA LYS A 290 11.73 -1.27 4.36
C LYS A 290 10.32 -0.73 4.15
N GLU A 291 9.69 -1.10 3.03
CA GLU A 291 8.37 -0.55 2.73
C GLU A 291 7.32 -1.04 3.72
N ALA A 292 7.38 -2.32 4.09
CA ALA A 292 6.40 -2.87 5.02
C ALA A 292 6.40 -2.09 6.33
N ALA A 293 7.57 -1.73 6.83
CA ALA A 293 7.64 -0.93 8.06
C ALA A 293 7.01 0.44 7.84
N GLN A 294 7.27 1.07 6.71
CA GLN A 294 6.71 2.39 6.44
C GLN A 294 5.19 2.33 6.35
N CYS A 295 4.66 1.33 5.65
CA CYS A 295 3.22 1.22 5.49
C CYS A 295 2.54 0.85 6.80
N LEU A 296 3.10 -0.13 7.52
CA LEU A 296 2.56 -0.48 8.84
C LEU A 296 2.60 0.71 9.78
N SER A 297 3.62 1.56 9.66
CA SER A 297 3.65 2.80 10.43
C SER A 297 2.51 3.72 9.99
N ASP A 298 2.30 3.85 8.68
CA ASP A 298 1.24 4.73 8.19
C ASP A 298 -0.13 4.25 8.65
N VAL A 299 -0.39 2.94 8.53
CA VAL A 299 -1.69 2.39 8.92
C VAL A 299 -1.90 2.57 10.42
N ARG A 300 -0.84 2.39 11.21
CA ARG A 300 -0.95 2.67 12.64
C ARG A 300 -1.28 4.13 12.90
N LEU A 301 -0.63 5.04 12.18
CA LEU A 301 -1.00 6.45 12.29
C LEU A 301 -2.47 6.66 11.93
N GLY A 302 -2.95 5.96 10.90
CA GLY A 302 -4.34 6.11 10.50
C GLY A 302 -5.33 5.59 11.52
N ILE A 303 -4.94 4.57 12.28
CA ILE A 303 -5.83 4.06 13.33
C ILE A 303 -5.88 5.03 14.50
N ASP A 304 -4.74 5.62 14.85
CA ASP A 304 -4.70 6.57 15.97
C ASP A 304 -5.53 7.80 15.66
N LEU A 305 -5.40 8.35 14.45
CA LEU A 305 -6.10 9.58 14.11
C LEU A 305 -7.59 9.36 13.86
N GLY A 306 -8.02 8.12 13.64
CA GLY A 306 -9.41 7.81 13.38
C GLY A 306 -9.76 7.65 11.92
N TYR A 307 -8.79 7.78 11.01
CA TYR A 307 -9.08 7.57 9.59
C TYR A 307 -9.42 6.12 9.32
N ILE A 308 -8.58 5.20 9.79
CA ILE A 308 -8.75 3.77 9.52
C ILE A 308 -9.55 3.15 10.65
N LYS A 309 -10.62 2.44 10.28
CA LYS A 309 -11.50 1.77 11.23
C LYS A 309 -11.36 0.25 11.09
N ASN A 310 -11.94 -0.47 12.04
CA ASN A 310 -12.00 -1.93 12.02
C ASN A 310 -10.63 -2.59 11.95
N VAL A 311 -9.59 -1.91 12.43
CA VAL A 311 -8.26 -2.52 12.54
C VAL A 311 -7.67 -2.12 13.89
N SER A 312 -7.28 -3.11 14.68
CA SER A 312 -6.67 -2.86 15.98
C SER A 312 -5.19 -2.52 15.82
N ARG A 313 -4.71 -1.59 16.65
CA ARG A 313 -3.30 -1.24 16.59
C ARG A 313 -2.40 -2.35 17.14
N ASN A 314 -2.94 -3.25 17.95
CA ASN A 314 -2.15 -4.36 18.47
C ASN A 314 -1.65 -5.25 17.34
N ILE A 315 -2.55 -5.64 16.44
CA ILE A 315 -2.17 -6.47 15.30
C ILE A 315 -1.06 -5.83 14.47
N LEU A 316 -1.02 -4.50 14.41
CA LEU A 316 0.08 -3.85 13.70
C LEU A 316 1.37 -3.93 14.51
N ASN A 317 1.28 -3.78 15.84
CA ASN A 317 2.43 -4.05 16.69
C ASN A 317 2.93 -5.47 16.47
N GLU A 318 2.01 -6.39 16.20
CA GLU A 318 2.35 -7.80 16.01
C GLU A 318 2.96 -8.05 14.63
N LEU A 319 2.54 -7.29 13.62
CA LEU A 319 3.07 -7.49 12.28
C LEU A 319 4.50 -6.95 12.16
N MET A 320 4.83 -5.85 12.85
CA MET A 320 6.20 -5.39 12.88
C MET A 320 7.17 -6.49 13.32
N ILE A 321 6.71 -7.39 14.17
CA ILE A 321 7.56 -8.49 14.65
C ILE A 321 7.44 -9.72 13.77
N LEU A 322 6.20 -10.11 13.43
CA LEU A 322 5.98 -11.31 12.62
C LEU A 322 6.60 -11.19 11.23
N THR A 323 6.81 -9.97 10.72
CA THR A 323 7.40 -9.78 9.40
C THR A 323 8.92 -9.67 9.44
N GLN A 324 9.54 -9.84 10.59
CA GLN A 324 10.99 -9.85 10.67
C GLN A 324 11.52 -11.20 10.19
N PRO A 325 12.80 -11.27 9.79
CA PRO A 325 13.29 -12.51 9.16
C PRO A 325 13.11 -13.75 10.01
N GLY A 326 13.30 -13.66 11.32
CA GLY A 326 13.15 -14.80 12.20
C GLY A 326 11.75 -15.41 12.19
N PHE A 327 10.76 -14.59 12.49
CA PHE A 327 9.38 -15.06 12.53
C PHE A 327 8.88 -15.55 11.17
N LEU A 328 9.26 -14.85 10.11
CA LEU A 328 8.81 -15.25 8.77
C LEU A 328 9.30 -16.64 8.41
N GLN A 329 10.56 -16.93 8.71
CA GLN A 329 11.10 -18.24 8.40
C GLN A 329 10.40 -19.32 9.20
N GLN A 330 10.17 -19.03 10.48
CA GLN A 330 9.47 -19.97 11.35
C GLN A 330 8.05 -20.19 10.87
N TYR A 331 7.41 -19.11 10.45
CA TYR A 331 6.04 -19.16 9.93
C TYR A 331 6.05 -20.01 8.66
N ALA A 332 7.04 -19.79 7.82
CA ALA A 332 7.21 -20.57 6.60
C ALA A 332 7.53 -22.01 6.96
N GLY A 333 8.37 -22.19 7.99
CA GLY A 333 8.80 -23.50 8.43
C GLY A 333 10.02 -23.89 7.62
N GLY A 334 11.19 -23.38 8.02
CA GLY A 334 12.41 -23.64 7.29
C GLY A 334 13.05 -22.36 6.82
N VAL A 335 14.33 -22.46 6.46
CA VAL A 335 15.09 -21.28 6.05
C VAL A 335 14.53 -20.73 4.74
N LEU A 336 14.61 -19.41 4.59
CA LEU A 336 14.07 -18.71 3.42
C LEU A 336 15.17 -17.88 2.76
N ARG A 337 15.09 -17.78 1.43
CA ARG A 337 16.01 -16.94 0.68
C ARG A 337 15.45 -15.53 0.58
N PRO A 338 16.30 -14.54 0.26
CA PRO A 338 15.79 -13.15 0.22
C PRO A 338 14.63 -12.94 -0.72
N GLU A 339 14.60 -13.64 -1.87
CA GLU A 339 13.44 -13.55 -2.76
C GLU A 339 12.21 -14.08 -2.06
N GLU A 340 12.36 -15.20 -1.36
CA GLU A 340 11.25 -15.88 -0.72
C GLU A 340 10.65 -15.06 0.42
N ARG A 341 11.48 -14.30 1.13
CA ARG A 341 10.99 -13.59 2.31
C ARG A 341 10.08 -12.43 1.91
N ASP A 342 10.34 -11.80 0.76
CA ASP A 342 9.48 -10.71 0.32
C ASP A 342 8.10 -11.22 -0.08
N VAL A 343 8.01 -12.43 -0.62
CA VAL A 343 6.73 -13.02 -0.95
C VAL A 343 6.00 -13.46 0.32
N ARG A 344 6.71 -14.15 1.22
CA ARG A 344 6.10 -14.55 2.49
C ARG A 344 5.64 -13.36 3.30
N ARG A 345 6.46 -12.30 3.33
CA ARG A 345 6.12 -11.11 4.12
C ARG A 345 4.79 -10.51 3.65
N ALA A 346 4.62 -10.38 2.32
CA ALA A 346 3.39 -9.81 1.79
C ALA A 346 2.21 -10.76 2.00
N ALA A 347 2.44 -12.06 1.83
CA ALA A 347 1.36 -13.03 2.05
C ALA A 347 0.88 -13.00 3.50
N LEU A 348 1.82 -12.90 4.44
CA LEU A 348 1.45 -12.81 5.85
C LEU A 348 0.57 -11.59 6.10
N ILE A 349 0.97 -10.43 5.57
CA ILE A 349 0.27 -9.19 5.90
C ILE A 349 -1.14 -9.19 5.31
N ARG A 350 -1.31 -9.74 4.10
CA ARG A 350 -2.65 -9.81 3.53
C ARG A 350 -3.54 -10.70 4.39
N GLU A 351 -3.01 -11.84 4.84
CA GLU A 351 -3.80 -12.80 5.60
C GLU A 351 -4.31 -12.19 6.90
N ARG A 352 -3.41 -11.57 7.67
CA ARG A 352 -3.83 -10.98 8.93
C ARG A 352 -4.84 -9.87 8.73
N LEU A 353 -4.65 -9.05 7.69
CA LEU A 353 -5.62 -7.99 7.42
C LEU A 353 -6.93 -8.55 6.90
N ARG A 354 -6.89 -9.62 6.11
CA ARG A 354 -8.11 -10.22 5.59
C ARG A 354 -8.99 -10.66 6.75
N MET A 355 -8.36 -11.20 7.78
CA MET A 355 -9.08 -11.66 8.96
C MET A 355 -9.77 -10.51 9.69
N GLU A 356 -9.09 -9.37 9.77
CA GLU A 356 -9.65 -8.21 10.45
C GLU A 356 -10.93 -7.69 9.79
N THR A 357 -10.93 -7.65 8.46
CA THR A 357 -12.11 -7.18 7.74
C THR A 357 -13.31 -8.09 7.95
N ARG A 358 -13.08 -9.40 7.90
CA ARG A 358 -14.15 -10.37 8.08
C ARG A 358 -14.76 -10.29 9.48
N LEU A 359 -13.88 -10.14 10.48
CA LEU A 359 -14.32 -10.06 11.87
C LEU A 359 -13.42 -9.13 12.67
N ASN B 11 -27.96 8.50 -17.80
CA ASN B 11 -27.76 8.04 -16.43
C ASN B 11 -26.74 6.91 -16.38
N THR B 12 -26.03 6.71 -17.48
CA THR B 12 -25.10 5.60 -17.59
C THR B 12 -23.94 6.02 -18.50
N ALA B 13 -22.73 5.59 -18.14
CA ALA B 13 -21.57 5.89 -18.97
C ALA B 13 -21.47 4.95 -20.17
N VAL B 14 -21.79 3.67 -19.96
CA VAL B 14 -21.67 2.64 -20.98
C VAL B 14 -22.98 1.87 -21.01
N SER B 15 -23.76 2.05 -22.08
CA SER B 15 -25.10 1.50 -22.15
C SER B 15 -25.07 -0.03 -22.05
N ALA B 16 -26.24 -0.61 -21.76
CA ALA B 16 -26.35 -2.05 -21.65
C ALA B 16 -25.97 -2.75 -22.95
N TRP B 17 -26.22 -2.10 -24.09
CA TRP B 17 -25.76 -2.62 -25.37
C TRP B 17 -24.23 -2.73 -25.42
N MET B 18 -23.54 -1.69 -24.92
CA MET B 18 -22.08 -1.67 -24.98
C MET B 18 -21.43 -2.61 -23.96
N SER B 19 -22.11 -2.89 -22.84
CA SER B 19 -21.51 -3.73 -21.81
C SER B 19 -21.48 -5.21 -22.19
N GLN B 20 -22.13 -5.60 -23.27
CA GLN B 20 -22.15 -6.99 -23.69
C GLN B 20 -20.75 -7.43 -24.14
N GLU B 21 -20.48 -8.72 -23.97
CA GLU B 21 -19.25 -9.28 -24.49
C GLU B 21 -19.28 -9.33 -26.01
N GLY B 22 -18.15 -8.99 -26.63
CA GLY B 22 -17.99 -9.14 -28.05
C GLY B 22 -16.86 -10.09 -28.38
N PRO B 23 -16.73 -10.45 -29.65
CA PRO B 23 -15.57 -11.26 -30.06
C PRO B 23 -14.29 -10.49 -29.80
N ASN B 24 -13.35 -11.15 -29.10
CA ASN B 24 -12.07 -10.55 -28.74
C ASN B 24 -12.27 -9.28 -27.91
N SER B 25 -13.34 -9.24 -27.12
CA SER B 25 -13.62 -8.06 -26.31
C SER B 25 -12.65 -7.90 -25.14
N ASP B 26 -11.83 -8.91 -24.86
CA ASP B 26 -10.76 -8.73 -23.87
C ASP B 26 -9.76 -7.69 -24.32
N ILE B 27 -9.51 -7.59 -25.62
CA ILE B 27 -8.56 -6.63 -26.18
C ILE B 27 -9.29 -5.47 -26.86
N VAL B 28 -10.32 -5.78 -27.65
CA VAL B 28 -11.04 -4.78 -28.44
C VAL B 28 -12.24 -4.32 -27.64
N LEU B 29 -12.28 -3.02 -27.31
CA LEU B 29 -13.35 -2.52 -26.47
C LEU B 29 -14.63 -2.31 -27.27
N SER B 30 -14.52 -1.77 -28.48
CA SER B 30 -15.69 -1.49 -29.31
C SER B 30 -15.24 -1.24 -30.74
N SER B 31 -16.20 -1.33 -31.66
CA SER B 31 -16.01 -1.04 -33.06
C SER B 31 -17.02 0.01 -33.48
N ARG B 32 -16.64 0.88 -34.43
CA ARG B 32 -17.62 1.85 -34.91
C ARG B 32 -17.39 2.15 -36.38
N ILE B 33 -18.48 2.58 -37.02
CA ILE B 33 -18.51 2.91 -38.44
C ILE B 33 -19.21 4.26 -38.57
N ARG B 34 -18.55 5.22 -39.22
CA ARG B 34 -19.11 6.54 -39.46
C ARG B 34 -19.25 6.75 -40.97
N LEU B 35 -20.50 6.72 -41.45
CA LEU B 35 -20.80 7.01 -42.85
C LEU B 35 -21.14 8.47 -43.03
N ALA B 36 -20.59 9.09 -44.06
CA ALA B 36 -20.89 10.47 -44.41
C ALA B 36 -21.81 10.48 -45.61
N ARG B 37 -22.99 11.09 -45.45
CA ARG B 37 -23.97 11.15 -46.53
C ARG B 37 -24.52 12.57 -46.61
N ASN B 38 -25.09 12.89 -47.77
CA ASN B 38 -25.70 14.20 -48.00
C ASN B 38 -26.94 14.06 -48.88
N SER B 50 -28.72 27.39 -43.70
CA SER B 50 -29.18 27.68 -42.35
C SER B 50 -30.64 27.25 -42.17
N GLU B 51 -31.52 27.83 -42.97
CA GLU B 51 -32.93 27.42 -42.92
C GLU B 51 -33.12 26.00 -43.42
N GLU B 52 -32.40 25.61 -44.47
CA GLU B 52 -32.43 24.22 -44.91
C GLU B 52 -31.94 23.28 -43.83
N ALA B 53 -30.98 23.72 -43.01
CA ALA B 53 -30.50 22.89 -41.91
C ALA B 53 -31.61 22.62 -40.90
N LYS B 54 -32.39 23.66 -40.56
CA LYS B 54 -33.56 23.44 -39.71
C LYS B 54 -34.56 22.52 -40.38
N GLN B 55 -34.73 22.67 -41.70
CA GLN B 55 -35.61 21.77 -42.44
C GLN B 55 -35.12 20.33 -42.36
N ILE B 56 -33.80 20.13 -42.41
CA ILE B 56 -33.25 18.78 -42.29
C ILE B 56 -33.54 18.20 -40.91
N VAL B 57 -33.32 19.00 -39.86
CA VAL B 57 -33.62 18.54 -38.50
C VAL B 57 -35.11 18.31 -38.34
N ALA B 58 -35.94 19.23 -38.86
CA ALA B 58 -37.38 19.06 -38.77
C ALA B 58 -37.86 17.87 -39.59
N LEU B 59 -37.14 17.52 -40.66
CA LEU B 59 -37.54 16.38 -41.47
C LEU B 59 -37.25 15.06 -40.76
N PHE B 60 -36.14 14.99 -40.01
CA PHE B 60 -35.85 13.79 -39.24
C PHE B 60 -36.82 13.63 -38.08
N GLU B 61 -37.09 14.70 -37.32
CA GLU B 61 -37.96 14.57 -36.16
C GLU B 61 -39.37 14.14 -36.56
N ARG B 62 -39.82 14.56 -37.75
CA ARG B 62 -41.08 14.05 -38.27
C ARG B 62 -40.96 12.57 -38.61
N ALA B 63 -39.82 12.16 -39.16
CA ALA B 63 -39.62 10.77 -39.54
C ALA B 63 -39.69 9.86 -38.33
N PHE B 64 -38.89 10.13 -37.30
CA PHE B 64 -38.86 9.26 -36.14
C PHE B 64 -39.40 9.99 -34.90
N ARG B 74 -37.21 2.66 -30.65
CA ARG B 74 -37.56 4.03 -31.00
C ARG B 74 -36.41 4.98 -30.65
N PHE B 75 -36.18 5.96 -31.52
CA PHE B 75 -35.07 6.90 -31.35
C PHE B 75 -35.58 8.17 -30.69
N GLU B 76 -34.64 8.90 -30.07
CA GLU B 76 -34.95 10.18 -29.45
C GLU B 76 -33.99 11.23 -29.98
N LEU B 77 -34.50 12.44 -30.19
CA LEU B 77 -33.75 13.53 -30.80
C LEU B 77 -33.26 14.50 -29.73
N LEU B 78 -31.98 14.90 -29.84
CA LEU B 78 -31.37 15.86 -28.94
C LEU B 78 -30.84 17.02 -29.76
N LYS B 79 -31.31 18.23 -29.45
CA LYS B 79 -30.92 19.44 -30.15
C LYS B 79 -29.77 20.11 -29.40
N MET B 80 -28.73 20.52 -30.12
CA MET B 80 -27.59 21.18 -29.48
C MET B 80 -28.00 22.50 -28.86
N SER B 81 -28.86 23.26 -29.53
CA SER B 81 -29.29 24.56 -29.00
C SER B 81 -30.05 24.43 -27.69
N GLU B 82 -30.59 23.25 -27.39
CA GLU B 82 -31.35 23.01 -26.18
C GLU B 82 -30.55 22.25 -25.13
N LEU B 83 -29.26 22.03 -25.37
CA LEU B 83 -28.39 21.37 -24.41
C LEU B 83 -27.42 22.39 -23.80
N GLN B 84 -27.17 22.23 -22.51
CA GLN B 84 -26.22 23.10 -21.80
C GLN B 84 -24.81 22.53 -21.90
N PRO B 85 -23.78 23.36 -21.66
CA PRO B 85 -22.40 22.92 -21.94
C PRO B 85 -22.00 21.63 -21.24
N ILE B 86 -22.48 21.38 -20.02
CA ILE B 86 -22.15 20.12 -19.36
C ILE B 86 -22.77 18.95 -20.11
N GLU B 87 -24.00 19.13 -20.61
CA GLU B 87 -24.65 18.08 -21.39
C GLU B 87 -23.92 17.83 -22.71
N LYS B 88 -23.31 18.88 -23.27
CA LYS B 88 -22.54 18.71 -24.50
C LYS B 88 -21.29 17.89 -24.25
N ARG B 89 -20.59 18.21 -23.16
CA ARG B 89 -19.32 17.52 -22.83
C ARG B 89 -19.57 16.06 -22.48
N VAL B 90 -20.73 15.74 -21.91
CA VAL B 90 -21.02 14.33 -21.53
C VAL B 90 -21.19 13.45 -22.77
N LEU B 91 -21.83 13.96 -23.81
CA LEU B 91 -22.04 13.18 -25.04
C LEU B 91 -20.71 12.95 -25.75
N VAL B 92 -19.78 13.89 -25.65
CA VAL B 92 -18.48 13.72 -26.36
C VAL B 92 -17.64 12.72 -25.57
N GLU B 93 -17.79 12.70 -24.24
CA GLU B 93 -17.03 11.75 -23.41
C GLU B 93 -17.57 10.34 -23.68
N LYS B 94 -18.86 10.23 -23.97
CA LYS B 94 -19.50 8.97 -24.36
C LYS B 94 -19.23 8.54 -25.81
N HIS B 95 -18.72 9.48 -26.61
CA HIS B 95 -18.37 9.25 -28.04
C HIS B 95 -19.63 9.35 -28.91
N LEU B 96 -20.77 9.68 -28.31
CA LEU B 96 -22.07 9.79 -29.04
C LEU B 96 -22.03 10.95 -30.05
N ILE B 97 -21.46 12.10 -29.66
CA ILE B 97 -21.42 13.27 -30.60
C ILE B 97 -19.97 13.76 -30.72
N SER B 98 -19.62 14.35 -31.86
CA SER B 98 -18.27 14.87 -32.12
C SER B 98 -18.03 16.18 -31.37
N PRO B 99 -16.76 16.53 -31.04
CA PRO B 99 -16.42 17.79 -30.38
C PRO B 99 -16.77 18.98 -31.29
N HIS B 100 -16.55 18.81 -32.59
CA HIS B 100 -16.82 19.87 -33.60
C HIS B 100 -18.30 20.26 -33.55
N LEU B 101 -19.19 19.27 -33.41
CA LEU B 101 -20.62 19.56 -33.31
C LEU B 101 -20.97 20.19 -31.97
N ALA B 102 -20.36 19.73 -30.88
CA ALA B 102 -20.70 20.26 -29.56
C ALA B 102 -20.27 21.71 -29.40
N GLU B 103 -19.16 22.10 -30.01
CA GLU B 103 -18.58 23.42 -29.81
C GLU B 103 -18.73 24.36 -31.00
N ASP B 104 -18.52 23.88 -32.22
CA ASP B 104 -18.55 24.72 -33.41
C ASP B 104 -19.82 24.54 -34.23
N SER B 105 -20.90 24.04 -33.62
CA SER B 105 -22.17 23.85 -34.32
C SER B 105 -23.31 23.98 -33.31
N PRO B 106 -23.63 25.22 -32.91
CA PRO B 106 -24.78 25.41 -32.01
C PRO B 106 -26.10 25.07 -32.66
N PHE B 107 -26.15 25.03 -33.99
CA PHE B 107 -27.34 24.69 -34.75
C PHE B 107 -27.40 23.21 -35.12
N GLY B 108 -26.52 22.38 -34.55
CA GLY B 108 -26.53 20.97 -34.84
C GLY B 108 -27.56 20.21 -34.03
N ALA B 109 -27.74 18.94 -34.39
CA ALA B 109 -28.67 18.06 -33.71
C ALA B 109 -28.11 16.65 -33.73
N CYS B 110 -28.74 15.77 -32.95
CA CYS B 110 -28.28 14.40 -32.84
C CYS B 110 -29.45 13.49 -32.51
N LEU B 111 -29.50 12.33 -33.16
CA LEU B 111 -30.55 11.35 -32.98
C LEU B 111 -29.95 10.10 -32.35
N LEU B 112 -30.40 9.76 -31.14
CA LEU B 112 -29.86 8.65 -30.37
C LEU B 112 -30.81 7.46 -30.36
N SER B 113 -30.25 6.27 -30.31
CA SER B 113 -31.04 5.06 -30.12
C SER B 113 -31.30 4.82 -28.64
N GLU B 114 -32.25 3.92 -28.37
CA GLU B 114 -32.55 3.54 -26.99
C GLU B 114 -31.37 2.81 -26.36
N ASN B 115 -30.71 1.94 -27.12
CA ASN B 115 -29.52 1.24 -26.66
C ASN B 115 -28.24 2.02 -26.91
N GLU B 116 -28.34 3.25 -27.40
CA GLU B 116 -27.21 4.12 -27.74
C GLU B 116 -26.31 3.52 -28.82
N GLU B 117 -26.77 2.47 -29.50
CA GLU B 117 -26.04 1.88 -30.61
C GLU B 117 -25.87 2.87 -31.75
N ILE B 118 -26.96 3.47 -32.20
CA ILE B 118 -26.97 4.34 -33.37
C ILE B 118 -26.99 5.79 -32.91
N SER B 119 -26.16 6.62 -33.53
CA SER B 119 -26.17 8.06 -33.28
C SER B 119 -25.97 8.77 -34.61
N ILE B 120 -26.95 9.57 -35.01
CA ILE B 120 -26.90 10.29 -36.28
C ILE B 120 -26.70 11.77 -35.97
N MET B 121 -25.62 12.34 -36.50
CA MET B 121 -25.26 13.73 -36.26
C MET B 121 -25.66 14.57 -37.46
N ILE B 122 -26.26 15.73 -37.18
CA ILE B 122 -26.80 16.61 -38.21
C ILE B 122 -26.05 17.93 -38.17
N ASN B 123 -25.57 18.38 -39.34
CA ASN B 123 -24.80 19.63 -39.49
C ASN B 123 -23.47 19.55 -38.75
N GLU B 124 -22.71 18.48 -39.00
CA GLU B 124 -21.33 18.40 -38.56
C GLU B 124 -20.43 18.85 -39.70
N GLU B 125 -19.54 17.96 -40.16
CA GLU B 125 -18.79 18.21 -41.39
C GLU B 125 -19.70 18.11 -42.60
N ASP B 126 -20.58 17.13 -42.60
CA ASP B 126 -21.61 16.96 -43.63
C ASP B 126 -22.98 17.11 -42.99
N HIS B 127 -24.02 17.00 -43.81
CA HIS B 127 -25.38 17.16 -43.32
C HIS B 127 -25.75 16.07 -42.32
N ILE B 128 -25.43 14.82 -42.64
CA ILE B 128 -25.65 13.71 -41.72
C ILE B 128 -24.35 12.92 -41.61
N ARG B 129 -24.04 12.49 -40.38
CA ARG B 129 -22.88 11.66 -40.08
C ARG B 129 -23.40 10.51 -39.23
N ILE B 130 -23.64 9.37 -39.87
CA ILE B 130 -24.29 8.23 -39.23
C ILE B 130 -23.24 7.31 -38.61
N GLN B 131 -23.47 6.93 -37.35
CA GLN B 131 -22.50 6.22 -36.52
C GLN B 131 -23.14 4.99 -35.89
N CYS B 132 -22.43 3.86 -35.94
CA CYS B 132 -22.84 2.62 -35.30
C CYS B 132 -21.76 2.16 -34.34
N LEU B 133 -22.17 1.56 -33.23
CA LEU B 133 -21.25 1.11 -32.18
C LEU B 133 -21.61 -0.30 -31.78
N PHE B 134 -20.71 -1.26 -32.00
CA PHE B 134 -20.90 -2.58 -31.40
C PHE B 134 -19.78 -2.87 -30.42
N PRO B 135 -20.06 -3.66 -29.37
CA PRO B 135 -19.01 -3.98 -28.40
C PRO B 135 -18.06 -5.03 -28.95
N GLY B 136 -16.78 -4.85 -28.65
CA GLY B 136 -15.78 -5.77 -29.14
C GLY B 136 -15.48 -5.56 -30.61
N LEU B 137 -14.93 -6.60 -31.23
CA LEU B 137 -14.55 -6.57 -32.63
C LEU B 137 -15.71 -7.10 -33.47
N GLN B 138 -16.54 -6.18 -33.97
CA GLN B 138 -17.66 -6.52 -34.83
C GLN B 138 -17.81 -5.44 -35.91
N LEU B 139 -16.76 -5.29 -36.74
CA LEU B 139 -16.79 -4.28 -37.79
C LEU B 139 -17.81 -4.61 -38.87
N ALA B 140 -17.87 -5.87 -39.29
CA ALA B 140 -18.81 -6.26 -40.34
C ALA B 140 -20.25 -6.01 -39.91
N GLU B 141 -20.59 -6.42 -38.69
CA GLU B 141 -21.94 -6.19 -38.19
C GLU B 141 -22.24 -4.71 -38.04
N ALA B 142 -21.23 -3.91 -37.67
CA ALA B 142 -21.44 -2.48 -37.51
C ALA B 142 -21.64 -1.79 -38.86
N LEU B 143 -20.88 -2.21 -39.87
CA LEU B 143 -21.07 -1.65 -41.21
C LEU B 143 -22.38 -2.10 -41.83
N GLU B 144 -22.75 -3.37 -41.63
CA GLU B 144 -24.00 -3.88 -42.17
C GLU B 144 -25.18 -3.05 -41.70
N ALA B 145 -25.29 -2.85 -40.38
CA ALA B 145 -26.36 -2.01 -39.87
C ALA B 145 -26.24 -0.58 -40.38
N ALA B 146 -25.01 -0.06 -40.45
CA ALA B 146 -24.80 1.34 -40.83
C ALA B 146 -25.35 1.64 -42.21
N SER B 147 -25.03 0.81 -43.20
CA SER B 147 -25.57 1.01 -44.54
C SER B 147 -27.05 0.64 -44.60
N GLU B 148 -27.50 -0.26 -43.72
CA GLU B 148 -28.88 -0.73 -43.80
C GLU B 148 -29.88 0.37 -43.44
N LEU B 149 -29.62 1.12 -42.37
CA LEU B 149 -30.50 2.27 -42.13
C LEU B 149 -30.13 3.47 -42.99
N ASP B 150 -28.98 3.45 -43.66
CA ASP B 150 -28.72 4.45 -44.69
C ASP B 150 -29.66 4.26 -45.87
N ASP B 151 -29.93 3.01 -46.24
CA ASP B 151 -30.95 2.74 -47.24
C ASP B 151 -32.33 3.15 -46.73
N TRP B 152 -32.56 2.98 -45.42
CA TRP B 152 -33.81 3.42 -44.81
C TRP B 152 -33.97 4.94 -44.95
N ILE B 153 -32.87 5.68 -44.76
CA ILE B 153 -32.90 7.13 -44.90
C ILE B 153 -33.04 7.53 -46.35
N GLU B 154 -32.24 6.91 -47.23
CA GLU B 154 -32.38 7.16 -48.66
C GLU B 154 -33.72 6.71 -49.19
N GLY B 155 -34.36 5.74 -48.55
CA GLY B 155 -35.65 5.25 -48.99
C GLY B 155 -36.80 6.20 -48.72
N HIS B 156 -36.63 7.16 -47.80
CA HIS B 156 -37.67 8.12 -47.51
C HIS B 156 -37.29 9.55 -47.84
N VAL B 157 -36.00 9.84 -48.01
CA VAL B 157 -35.51 11.17 -48.38
C VAL B 157 -34.35 10.98 -49.35
N ASN B 158 -34.19 11.93 -50.26
CA ASN B 158 -33.03 11.92 -51.15
C ASN B 158 -32.08 13.08 -50.82
N THR B 177 -16.08 6.24 -49.66
CA THR B 177 -17.02 7.35 -49.77
C THR B 177 -17.27 7.99 -48.40
N GLY B 178 -16.27 8.70 -47.89
CA GLY B 178 -16.39 9.31 -46.57
C GLY B 178 -16.56 8.31 -45.45
N LEU B 179 -16.07 7.09 -45.62
CA LEU B 179 -16.18 6.05 -44.60
C LEU B 179 -15.02 6.13 -43.63
N ARG B 180 -15.33 6.17 -42.34
CA ARG B 180 -14.33 6.16 -41.27
C ARG B 180 -14.63 5.01 -40.33
N ALA B 181 -13.81 3.97 -40.40
CA ALA B 181 -13.97 2.75 -39.61
C ALA B 181 -12.89 2.71 -38.54
N SER B 182 -13.28 2.45 -37.30
CA SER B 182 -12.34 2.49 -36.19
C SER B 182 -12.65 1.42 -35.15
N VAL B 183 -11.62 1.08 -34.38
CA VAL B 183 -11.72 0.22 -33.21
C VAL B 183 -10.88 0.82 -32.10
N MET B 184 -11.29 0.56 -30.86
CA MET B 184 -10.53 0.96 -29.68
C MET B 184 -9.96 -0.28 -29.01
N MET B 185 -8.65 -0.26 -28.74
CA MET B 185 -7.96 -1.42 -28.20
C MET B 185 -7.19 -1.03 -26.96
N HIS B 186 -7.21 -1.92 -25.96
CA HIS B 186 -6.43 -1.77 -24.74
C HIS B 186 -5.19 -2.65 -24.87
N LEU B 187 -4.03 -2.02 -25.04
CA LEU B 187 -2.80 -2.70 -25.44
C LEU B 187 -1.68 -2.45 -24.43
N PRO B 188 -1.84 -2.88 -23.17
CA PRO B 188 -0.80 -2.57 -22.18
C PRO B 188 0.46 -3.40 -22.36
N ALA B 189 0.33 -4.63 -22.88
CA ALA B 189 1.50 -5.48 -23.03
C ALA B 189 2.38 -5.03 -24.19
N LEU B 190 1.76 -4.61 -25.31
CA LEU B 190 2.53 -4.10 -26.43
C LEU B 190 3.20 -2.77 -26.10
N VAL B 191 2.67 -2.02 -25.14
CA VAL B 191 3.33 -0.82 -24.66
C VAL B 191 4.45 -1.17 -23.70
N LEU B 192 4.19 -2.08 -22.77
CA LEU B 192 5.17 -2.40 -21.74
C LEU B 192 6.34 -3.21 -22.31
N THR B 193 6.09 -4.05 -23.31
CA THR B 193 7.15 -4.78 -24.00
C THR B 193 7.80 -3.98 -25.11
N GLN B 194 7.53 -2.66 -25.17
CA GLN B 194 8.28 -1.73 -26.02
C GLN B 194 8.12 -2.08 -27.50
N GLN B 195 6.91 -2.45 -27.91
CA GLN B 195 6.64 -2.72 -29.32
C GLN B 195 5.82 -1.62 -29.99
N ILE B 196 5.25 -0.71 -29.22
CA ILE B 196 4.17 0.12 -29.74
C ILE B 196 4.69 1.21 -30.69
N ASN B 197 5.90 1.72 -30.47
CA ASN B 197 6.42 2.75 -31.36
C ASN B 197 7.02 2.16 -32.64
N ARG B 198 7.23 0.85 -32.69
CA ARG B 198 7.54 0.19 -33.94
C ARG B 198 6.29 -0.10 -34.76
N ILE B 199 5.17 -0.40 -34.11
CA ILE B 199 4.01 -0.87 -34.85
C ILE B 199 3.27 0.29 -35.53
N ILE B 200 3.25 1.48 -34.94
CA ILE B 200 2.43 2.56 -35.50
C ILE B 200 3.02 3.12 -36.80
N PRO B 201 4.33 3.08 -37.05
CA PRO B 201 4.78 3.41 -38.42
C PRO B 201 4.49 2.29 -39.39
N ALA B 202 4.51 1.03 -38.94
CA ALA B 202 4.13 -0.08 -39.80
C ALA B 202 2.65 -0.03 -40.14
N ILE B 203 1.82 0.43 -39.20
CA ILE B 203 0.40 0.56 -39.46
C ILE B 203 0.13 1.73 -40.41
N ASN B 204 0.81 2.85 -40.18
CA ASN B 204 0.62 4.01 -41.05
C ASN B 204 1.00 3.69 -42.49
N GLN B 205 2.04 2.86 -42.67
CA GLN B 205 2.49 2.52 -44.02
C GLN B 205 1.39 1.84 -44.82
N LEU B 206 0.54 1.05 -44.16
CA LEU B 206 -0.58 0.39 -44.82
C LEU B 206 -1.80 1.30 -44.98
N GLY B 207 -1.69 2.57 -44.58
CA GLY B 207 -2.79 3.49 -44.73
C GLY B 207 -3.79 3.49 -43.60
N LEU B 208 -3.37 3.24 -42.37
CA LEU B 208 -4.24 3.24 -41.21
C LEU B 208 -3.66 4.16 -40.15
N VAL B 209 -4.52 4.88 -39.43
CA VAL B 209 -4.07 5.84 -38.43
C VAL B 209 -4.21 5.24 -37.04
N VAL B 210 -3.39 5.74 -36.12
CA VAL B 210 -3.41 5.32 -34.72
C VAL B 210 -3.37 6.59 -33.87
N ARG B 211 -4.37 6.76 -33.00
CA ARG B 211 -4.48 7.97 -32.20
C ARG B 211 -4.86 7.61 -30.77
N GLY B 212 -4.12 8.13 -29.80
CA GLY B 212 -4.45 7.92 -28.41
C GLY B 212 -5.77 8.58 -28.07
N THR B 213 -6.69 7.81 -27.49
CA THR B 213 -8.03 8.32 -27.21
C THR B 213 -7.99 9.41 -26.14
N TYR B 214 -7.39 9.11 -24.99
CA TYR B 214 -7.46 9.99 -23.83
C TYR B 214 -6.19 10.79 -23.58
N GLY B 215 -5.09 10.45 -24.25
CA GLY B 215 -3.83 11.17 -24.05
C GLY B 215 -3.74 12.40 -24.94
N GLU B 216 -3.26 13.51 -24.35
CA GLU B 216 -3.05 14.75 -25.14
C GLU B 216 -1.88 14.49 -26.10
N GLY B 217 -2.05 14.88 -27.36
CA GLY B 217 -1.01 14.65 -28.38
C GLY B 217 -0.70 13.18 -28.59
N SER B 218 0.58 12.85 -28.76
CA SER B 218 1.03 11.45 -29.01
C SER B 218 0.78 10.52 -27.81
N GLU B 219 0.99 11.01 -26.59
CA GLU B 219 0.84 10.16 -25.38
C GLU B 219 -0.61 9.65 -25.25
N ALA B 220 -0.78 8.37 -24.93
CA ALA B 220 -2.12 7.76 -24.76
C ALA B 220 -2.28 7.37 -23.29
N LEU B 221 -3.33 7.88 -22.64
CA LEU B 221 -3.56 7.59 -21.20
C LEU B 221 -4.44 6.33 -21.08
N GLY B 222 -4.02 5.40 -20.23
CA GLY B 222 -4.76 4.17 -20.03
C GLY B 222 -4.44 3.06 -21.02
N ASN B 223 -3.45 3.26 -21.88
CA ASN B 223 -3.05 2.27 -22.88
C ASN B 223 -4.16 1.96 -23.87
N ILE B 224 -5.11 2.87 -24.04
CA ILE B 224 -6.25 2.71 -24.94
C ILE B 224 -5.94 3.48 -26.22
N PHE B 225 -5.91 2.78 -27.36
CA PHE B 225 -5.59 3.45 -28.61
C PHE B 225 -6.77 3.30 -29.58
N GLN B 226 -6.89 4.26 -30.50
CA GLN B 226 -7.87 4.23 -31.56
C GLN B 226 -7.18 3.86 -32.87
N ILE B 227 -7.72 2.86 -33.57
CA ILE B 227 -7.17 2.39 -34.84
C ILE B 227 -8.22 2.65 -35.92
N SER B 228 -7.85 3.42 -36.94
CA SER B 228 -8.79 3.78 -38.00
C SER B 228 -8.13 3.61 -39.37
N ASN B 229 -8.97 3.60 -40.40
CA ASN B 229 -8.49 3.49 -41.78
C ASN B 229 -7.72 4.74 -42.23
N LYS B 235 -10.81 2.88 -52.71
CA LYS B 235 -11.11 1.53 -52.27
C LYS B 235 -12.57 1.36 -51.87
N SER B 236 -13.04 0.12 -51.92
CA SER B 236 -14.41 -0.20 -51.53
C SER B 236 -14.59 -0.07 -50.02
N GLU B 237 -15.81 0.26 -49.61
CA GLU B 237 -16.13 0.27 -48.19
C GLU B 237 -15.89 -1.11 -47.57
N GLU B 238 -16.30 -2.17 -48.26
CA GLU B 238 -16.17 -3.50 -47.70
C GLU B 238 -14.73 -3.98 -47.68
N ASP B 239 -13.89 -3.46 -48.57
CA ASP B 239 -12.46 -3.74 -48.49
C ASP B 239 -11.82 -2.97 -47.33
N ILE B 240 -12.25 -1.73 -47.10
CA ILE B 240 -11.66 -0.91 -46.05
C ILE B 240 -11.90 -1.53 -44.68
N VAL B 241 -13.11 -1.99 -44.42
CA VAL B 241 -13.41 -2.60 -43.12
C VAL B 241 -12.71 -3.95 -42.98
N ALA B 242 -12.68 -4.73 -44.06
CA ALA B 242 -11.94 -5.99 -44.02
C ALA B 242 -10.44 -5.75 -43.94
N ASP B 243 -9.96 -4.65 -44.52
CA ASP B 243 -8.54 -4.34 -44.45
C ASP B 243 -8.15 -4.00 -43.01
N LEU B 244 -8.99 -3.24 -42.32
CA LEU B 244 -8.74 -2.94 -40.91
C LEU B 244 -8.91 -4.19 -40.04
N HIS B 245 -9.92 -5.01 -40.33
CA HIS B 245 -10.23 -6.17 -39.49
C HIS B 245 -9.02 -7.10 -39.38
N THR B 246 -8.31 -7.33 -40.49
CA THR B 246 -7.19 -8.26 -40.47
C THR B 246 -6.05 -7.73 -39.62
N ILE B 247 -5.73 -6.44 -39.75
CA ILE B 247 -4.66 -5.86 -38.93
C ILE B 247 -5.03 -5.89 -37.45
N VAL B 248 -6.31 -5.71 -37.13
CA VAL B 248 -6.74 -5.72 -35.74
C VAL B 248 -6.51 -7.10 -35.13
N GLU B 249 -6.90 -8.16 -35.84
CA GLU B 249 -6.61 -9.51 -35.36
C GLU B 249 -5.11 -9.74 -35.23
N GLN B 250 -4.32 -9.17 -36.14
CA GLN B 250 -2.87 -9.25 -36.00
C GLN B 250 -2.40 -8.58 -34.72
N LEU B 251 -2.99 -7.42 -34.38
CA LEU B 251 -2.64 -6.76 -33.14
C LEU B 251 -3.13 -7.54 -31.92
N ILE B 252 -4.27 -8.23 -32.04
CA ILE B 252 -4.75 -9.06 -30.95
C ILE B 252 -3.79 -10.22 -30.69
N ALA B 253 -3.33 -10.87 -31.77
CA ALA B 253 -2.37 -11.96 -31.61
C ALA B 253 -1.08 -11.48 -30.97
N GLN B 254 -0.62 -10.28 -31.36
CA GLN B 254 0.62 -9.75 -30.80
C GLN B 254 0.45 -9.32 -29.36
N GLU B 255 -0.71 -8.75 -29.03
CA GLU B 255 -1.00 -8.34 -27.66
C GLU B 255 -1.07 -9.54 -26.73
N ARG B 256 -1.78 -10.59 -27.15
CA ARG B 256 -1.92 -11.77 -26.30
C ARG B 256 -0.59 -12.49 -26.10
N ALA B 257 0.24 -12.54 -27.14
CA ALA B 257 1.56 -13.12 -26.99
C ALA B 257 2.43 -12.29 -26.06
N ALA B 258 2.34 -10.96 -26.17
CA ALA B 258 3.10 -10.10 -25.27
C ALA B 258 2.67 -10.27 -23.82
N ARG B 259 1.38 -10.54 -23.59
CA ARG B 259 0.92 -10.77 -22.23
C ARG B 259 1.49 -12.05 -21.66
N GLN B 260 1.60 -13.10 -22.48
CA GLN B 260 2.22 -14.33 -22.01
C GLN B 260 3.71 -14.14 -21.76
N ALA B 261 4.37 -13.31 -22.56
CA ALA B 261 5.77 -13.01 -22.30
C ALA B 261 5.95 -12.35 -20.94
N LEU B 262 5.08 -11.39 -20.60
CA LEU B 262 5.16 -10.74 -19.30
C LEU B 262 4.93 -11.73 -18.16
N VAL B 263 3.94 -12.60 -18.29
CA VAL B 263 3.66 -13.59 -17.25
C VAL B 263 4.83 -14.54 -17.08
N LYS B 264 5.31 -15.09 -18.20
CA LYS B 264 6.45 -16.01 -18.15
C LYS B 264 7.70 -15.32 -17.62
N THR B 265 7.83 -14.02 -17.85
CA THR B 265 8.99 -13.26 -17.41
C THR B 265 8.85 -12.75 -15.98
N LEU B 266 7.75 -12.07 -15.66
CA LEU B 266 7.66 -11.37 -14.38
C LEU B 266 7.03 -12.22 -13.28
N GLY B 267 6.05 -13.05 -13.61
CA GLY B 267 5.48 -13.96 -12.63
C GLY B 267 4.83 -13.23 -11.46
N ILE B 268 5.29 -13.54 -10.25
CA ILE B 268 4.74 -12.94 -9.03
C ILE B 268 4.86 -11.42 -9.07
N GLN B 269 5.87 -10.89 -9.76
CA GLN B 269 6.05 -9.45 -9.80
C GLN B 269 4.93 -8.78 -10.58
N LEU B 270 4.44 -9.44 -11.63
CA LEU B 270 3.32 -8.90 -12.45
C LEU B 270 2.05 -8.86 -11.59
N GLU B 271 1.82 -9.91 -10.81
CA GLU B 271 0.63 -10.02 -9.92
C GLU B 271 0.69 -8.89 -8.88
N ASP B 272 1.89 -8.62 -8.36
CA ASP B 272 2.10 -7.55 -7.34
C ASP B 272 1.76 -6.18 -7.95
N LYS B 273 2.16 -5.95 -9.20
CA LYS B 273 1.93 -4.64 -9.85
C LYS B 273 0.43 -4.41 -10.07
N VAL B 274 -0.27 -5.43 -10.56
CA VAL B 274 -1.73 -5.32 -10.84
C VAL B 274 -2.50 -5.12 -9.53
N PHE B 275 -2.13 -5.85 -8.47
CA PHE B 275 -2.84 -5.74 -7.19
C PHE B 275 -2.47 -4.47 -6.44
N ARG B 276 -1.22 -4.01 -6.54
CA ARG B 276 -0.88 -2.72 -5.96
C ARG B 276 -1.70 -1.60 -6.59
N SER B 277 -1.90 -1.66 -7.91
CA SER B 277 -2.77 -0.68 -8.56
C SER B 277 -4.22 -0.84 -8.09
N TYR B 278 -4.67 -2.08 -7.88
CA TYR B 278 -6.00 -2.27 -7.30
C TYR B 278 -6.09 -1.69 -5.90
N GLY B 279 -5.06 -1.93 -5.07
CA GLY B 279 -5.09 -1.41 -3.72
C GLY B 279 -5.15 0.11 -3.66
N ILE B 280 -4.53 0.77 -4.64
CA ILE B 280 -4.59 2.24 -4.69
C ILE B 280 -6.00 2.69 -5.03
N LEU B 281 -6.54 2.19 -6.15
CA LEU B 281 -7.84 2.66 -6.62
C LEU B 281 -8.95 2.37 -5.61
N ALA B 282 -8.88 1.23 -4.94
CA ALA B 282 -9.92 0.85 -4.00
C ALA B 282 -9.87 1.61 -2.68
N ASN B 283 -8.79 2.34 -2.43
CA ASN B 283 -8.58 2.93 -1.11
C ASN B 283 -8.10 4.38 -1.12
N CYS B 284 -7.52 4.89 -2.21
CA CYS B 284 -6.96 6.22 -2.21
C CYS B 284 -8.05 7.28 -2.06
N ARG B 285 -7.65 8.45 -1.57
CA ARG B 285 -8.56 9.58 -1.44
C ARG B 285 -8.29 10.70 -2.43
N VAL B 286 -7.08 10.78 -2.98
CA VAL B 286 -6.76 11.74 -4.04
C VAL B 286 -5.97 11.01 -5.13
N ILE B 287 -6.35 11.23 -6.38
CA ILE B 287 -5.67 10.63 -7.52
C ILE B 287 -5.93 11.50 -8.74
N ASP B 288 -4.92 11.66 -9.59
CA ASP B 288 -5.04 12.51 -10.76
C ASP B 288 -5.45 11.69 -11.98
N SER B 289 -5.57 12.38 -13.12
CA SER B 289 -6.04 11.72 -14.33
C SER B 289 -5.06 10.64 -14.80
N LYS B 290 -3.76 10.88 -14.62
CA LYS B 290 -2.75 10.00 -15.20
C LYS B 290 -2.54 8.75 -14.36
N GLU B 291 -2.42 8.91 -13.04
CA GLU B 291 -2.26 7.74 -12.18
C GLU B 291 -3.50 6.85 -12.23
N ALA B 292 -4.69 7.46 -12.29
CA ALA B 292 -5.90 6.67 -12.42
C ALA B 292 -5.93 5.92 -13.75
N ALA B 293 -5.43 6.54 -14.82
CA ALA B 293 -5.41 5.88 -16.11
C ALA B 293 -4.46 4.69 -16.11
N GLN B 294 -3.28 4.85 -15.50
CA GLN B 294 -2.33 3.75 -15.43
C GLN B 294 -2.87 2.60 -14.57
N CYS B 295 -3.43 2.93 -13.41
CA CYS B 295 -3.91 1.89 -12.50
C CYS B 295 -5.11 1.16 -13.08
N LEU B 296 -6.06 1.88 -13.66
CA LEU B 296 -7.18 1.22 -14.34
C LEU B 296 -6.69 0.30 -15.45
N SER B 297 -5.65 0.73 -16.17
CA SER B 297 -5.04 -0.15 -17.16
C SER B 297 -4.44 -1.38 -16.51
N ASP B 298 -3.75 -1.20 -15.37
CA ASP B 298 -3.17 -2.33 -14.66
C ASP B 298 -4.25 -3.28 -14.16
N VAL B 299 -5.28 -2.73 -13.51
CA VAL B 299 -6.35 -3.55 -12.97
C VAL B 299 -7.05 -4.34 -14.07
N ARG B 300 -7.28 -3.70 -15.22
CA ARG B 300 -7.88 -4.42 -16.35
C ARG B 300 -6.99 -5.56 -16.81
N LEU B 301 -5.68 -5.30 -16.95
CA LEU B 301 -4.75 -6.36 -17.33
C LEU B 301 -4.79 -7.50 -16.31
N GLY B 302 -4.79 -7.17 -15.02
CA GLY B 302 -4.85 -8.21 -14.01
C GLY B 302 -6.12 -9.03 -14.07
N ILE B 303 -7.24 -8.41 -14.45
CA ILE B 303 -8.48 -9.15 -14.63
C ILE B 303 -8.40 -10.03 -15.88
N ASP B 304 -7.80 -9.51 -16.95
CA ASP B 304 -7.68 -10.29 -18.18
C ASP B 304 -6.81 -11.52 -17.97
N LEU B 305 -5.70 -11.37 -17.26
CA LEU B 305 -4.81 -12.50 -17.02
C LEU B 305 -5.34 -13.45 -15.94
N GLY B 306 -6.32 -13.04 -15.16
CA GLY B 306 -6.93 -13.90 -14.17
C GLY B 306 -6.46 -13.71 -12.75
N TYR B 307 -5.51 -12.80 -12.51
CA TYR B 307 -5.08 -12.55 -11.14
C TYR B 307 -6.21 -11.97 -10.30
N ILE B 308 -6.83 -10.90 -10.77
CA ILE B 308 -8.00 -10.32 -10.11
C ILE B 308 -9.23 -11.04 -10.64
N LYS B 309 -9.96 -11.71 -9.74
CA LYS B 309 -11.01 -12.63 -10.13
C LYS B 309 -12.41 -12.17 -9.76
N ASN B 310 -12.53 -11.16 -8.88
CA ASN B 310 -13.83 -10.72 -8.38
C ASN B 310 -14.20 -9.31 -8.84
N VAL B 311 -13.61 -8.84 -9.94
CA VAL B 311 -13.91 -7.51 -10.49
C VAL B 311 -14.12 -7.66 -11.98
N SER B 312 -15.23 -7.11 -12.48
CA SER B 312 -15.54 -7.21 -13.90
C SER B 312 -14.67 -6.27 -14.72
N ARG B 313 -14.28 -6.72 -15.91
CA ARG B 313 -13.43 -5.91 -16.78
C ARG B 313 -14.10 -4.64 -17.26
N ASN B 314 -15.41 -4.46 -17.03
CA ASN B 314 -16.08 -3.26 -17.49
C ASN B 314 -15.55 -2.00 -16.82
N ILE B 315 -14.96 -2.14 -15.63
CA ILE B 315 -14.45 -0.99 -14.87
C ILE B 315 -13.55 -0.11 -15.72
N LEU B 316 -12.67 -0.72 -16.53
CA LEU B 316 -11.84 0.06 -17.43
C LEU B 316 -12.70 0.85 -18.42
N ASN B 317 -13.54 0.14 -19.17
CA ASN B 317 -14.43 0.79 -20.14
C ASN B 317 -15.27 1.86 -19.48
N GLU B 318 -15.65 1.63 -18.23
CA GLU B 318 -16.70 2.37 -17.54
C GLU B 318 -16.15 3.56 -16.75
N LEU B 319 -14.97 3.39 -16.16
CA LEU B 319 -14.38 4.45 -15.31
C LEU B 319 -13.49 5.38 -16.13
N MET B 320 -13.01 4.93 -17.28
CA MET B 320 -12.15 5.82 -18.10
C MET B 320 -13.03 6.90 -18.73
N ILE B 321 -14.34 6.68 -18.71
CA ILE B 321 -15.28 7.69 -19.28
C ILE B 321 -15.81 8.52 -18.14
N LEU B 322 -16.11 7.89 -17.00
CA LEU B 322 -16.66 8.55 -15.78
C LEU B 322 -15.62 9.42 -15.07
N THR B 323 -14.34 9.28 -15.39
CA THR B 323 -13.26 10.06 -14.76
C THR B 323 -12.92 11.26 -15.64
N GLN B 324 -13.74 11.51 -16.66
CA GLN B 324 -13.53 12.68 -17.55
C GLN B 324 -14.23 13.87 -16.91
N PRO B 325 -13.79 15.12 -17.16
CA PRO B 325 -14.33 16.28 -16.47
C PRO B 325 -15.86 16.40 -16.46
N GLY B 326 -16.49 16.11 -17.57
CA GLY B 326 -17.95 16.23 -17.68
C GLY B 326 -18.66 15.30 -16.72
N PHE B 327 -18.25 14.05 -16.67
CA PHE B 327 -18.95 13.08 -15.80
C PHE B 327 -18.53 13.34 -14.35
N LEU B 328 -17.30 13.82 -14.17
CA LEU B 328 -16.82 14.10 -12.80
C LEU B 328 -17.71 15.21 -12.23
N GLN B 329 -17.86 16.30 -12.97
CA GLN B 329 -18.73 17.39 -12.49
C GLN B 329 -20.11 16.80 -12.26
N GLN B 330 -20.56 15.96 -13.19
CA GLN B 330 -21.90 15.40 -12.97
C GLN B 330 -21.94 14.54 -11.71
N TYR B 331 -20.88 13.77 -11.46
CA TYR B 331 -20.77 12.97 -10.24
C TYR B 331 -20.95 13.84 -9.00
N ALA B 332 -20.28 14.99 -8.95
CA ALA B 332 -20.32 15.83 -7.77
C ALA B 332 -21.61 16.66 -7.70
N GLY B 333 -22.14 17.07 -8.84
CA GLY B 333 -23.30 17.96 -8.85
C GLY B 333 -22.91 19.39 -8.62
N GLY B 334 -22.17 19.97 -9.55
CA GLY B 334 -21.66 21.32 -9.45
C GLY B 334 -20.24 21.39 -9.99
N VAL B 335 -19.82 22.60 -10.36
CA VAL B 335 -18.50 22.79 -10.94
C VAL B 335 -17.43 22.44 -9.90
N LEU B 336 -16.31 21.91 -10.38
CA LEU B 336 -15.22 21.46 -9.54
C LEU B 336 -13.92 22.12 -9.98
N ARG B 337 -13.11 22.52 -9.01
CA ARG B 337 -11.80 23.08 -9.28
C ARG B 337 -10.77 21.95 -9.26
N PRO B 338 -9.70 22.01 -10.08
CA PRO B 338 -8.86 20.82 -10.30
C PRO B 338 -8.47 20.03 -9.04
N GLU B 339 -8.16 20.69 -7.93
CA GLU B 339 -7.86 19.96 -6.71
C GLU B 339 -9.09 19.22 -6.18
N GLU B 340 -10.29 19.77 -6.41
CA GLU B 340 -11.51 19.06 -6.04
C GLU B 340 -11.77 17.88 -6.96
N ARG B 341 -11.30 17.94 -8.21
CA ARG B 341 -11.50 16.83 -9.13
C ARG B 341 -10.74 15.60 -8.66
N ASP B 342 -9.49 15.79 -8.21
CA ASP B 342 -8.69 14.66 -7.75
C ASP B 342 -9.33 13.98 -6.55
N VAL B 343 -10.05 14.74 -5.72
CA VAL B 343 -10.77 14.15 -4.60
C VAL B 343 -12.00 13.39 -5.10
N ARG B 344 -12.76 14.01 -6.01
CA ARG B 344 -13.94 13.34 -6.56
C ARG B 344 -13.56 12.18 -7.45
N ARG B 345 -12.43 12.28 -8.16
CA ARG B 345 -11.99 11.18 -9.01
C ARG B 345 -11.76 9.92 -8.20
N ALA B 346 -11.12 10.05 -7.04
CA ALA B 346 -10.82 8.89 -6.21
C ALA B 346 -12.08 8.33 -5.56
N ALA B 347 -12.98 9.20 -5.12
CA ALA B 347 -14.21 8.73 -4.48
C ALA B 347 -15.06 7.92 -5.45
N LEU B 348 -15.15 8.36 -6.70
CA LEU B 348 -15.92 7.63 -7.71
C LEU B 348 -15.32 6.25 -7.95
N ILE B 349 -14.00 6.17 -8.09
CA ILE B 349 -13.36 4.89 -8.38
C ILE B 349 -13.51 3.93 -7.20
N ARG B 350 -13.51 4.44 -5.97
CA ARG B 350 -13.70 3.56 -4.82
C ARG B 350 -15.10 2.98 -4.79
N GLU B 351 -16.12 3.79 -5.11
CA GLU B 351 -17.48 3.29 -5.14
C GLU B 351 -17.65 2.22 -6.21
N ARG B 352 -17.05 2.43 -7.38
CA ARG B 352 -17.20 1.48 -8.48
C ARG B 352 -16.58 0.13 -8.12
N LEU B 353 -15.35 0.16 -7.59
CA LEU B 353 -14.71 -1.09 -7.18
C LEU B 353 -15.46 -1.73 -6.01
N ARG B 354 -15.96 -0.90 -5.08
CA ARG B 354 -16.73 -1.43 -3.97
C ARG B 354 -18.00 -2.11 -4.42
N MET B 355 -18.48 -1.82 -5.64
CA MET B 355 -19.72 -2.40 -6.12
C MET B 355 -19.54 -3.85 -6.55
N GLU B 356 -18.40 -4.19 -7.18
CA GLU B 356 -18.10 -5.59 -7.43
C GLU B 356 -17.61 -6.29 -6.17
N THR B 357 -16.60 -5.74 -5.51
CA THR B 357 -16.01 -6.39 -4.34
C THR B 357 -16.89 -6.26 -3.11
N3B AN2 C . 22.90 -3.04 26.11
PB AN2 C . 21.81 -1.95 26.83
O2B AN2 C . 21.04 -2.66 27.80
O1B AN2 C . 22.60 -0.88 27.66
O3A AN2 C . 20.87 -1.24 25.80
PA AN2 C . 20.87 -1.54 24.26
O1A AN2 C . 20.58 -0.27 23.57
O2A AN2 C . 22.06 -2.33 23.91
O5' AN2 C . 19.60 -2.44 24.09
C5' AN2 C . 19.71 -3.78 24.49
C4' AN2 C . 18.40 -4.43 24.18
O4' AN2 C . 17.41 -3.71 24.84
C3' AN2 C . 18.16 -4.22 22.72
O3' AN2 C . 18.35 -5.48 22.13
C2' AN2 C . 16.76 -3.66 22.60
O2' AN2 C . 15.94 -4.51 21.82
C1' AN2 C . 16.27 -3.68 24.02
N9 AN2 C . 15.47 -2.53 24.46
C8 AN2 C . 15.89 -1.36 24.92
N7 AN2 C . 14.85 -0.59 25.28
C5 AN2 C . 13.75 -1.28 25.03
C4 AN2 C . 14.18 -2.56 24.50
N3 AN2 C . 13.27 -3.46 24.17
C2 AN2 C . 11.99 -3.19 24.31
N1 AN2 C . 11.52 -2.05 24.79
C6 AN2 C . 12.31 -1.08 25.16
N6 AN2 C . 11.80 0.05 25.64
C1 EDO D . 6.85 -4.44 20.98
O1 EDO D . 5.70 -4.28 21.83
C2 EDO D . 6.55 -3.92 19.59
O2 EDO D . 7.73 -3.94 18.77
C1 EDO E . 8.09 -9.43 25.81
O1 EDO E . 7.52 -9.99 26.99
C2 EDO E . 7.79 -10.33 24.62
O2 EDO E . 6.38 -10.61 24.58
C1 EDO F . 17.71 -2.20 44.17
O1 EDO F . 17.15 -1.91 45.46
C2 EDO F . 17.77 -0.93 43.33
O2 EDO F . 18.19 -1.26 41.99
C1 EDO G . 0.61 -12.17 18.56
O1 EDO G . 1.87 -11.51 18.65
C2 EDO G . 0.65 -13.16 17.39
O2 EDO G . 1.55 -14.23 17.71
C1 EDO H . -8.59 9.94 -17.39
O1 EDO H . -8.50 8.99 -16.33
C2 EDO H . -7.19 10.24 -17.93
O2 EDO H . -7.27 11.25 -18.94
C1 EDO I . -12.47 11.60 -34.96
O1 EDO I . -12.06 12.95 -35.18
C2 EDO I . -12.21 10.77 -36.22
O2 EDO I . -13.44 10.54 -36.90
#